data_6A9P
#
_entry.id   6A9P
#
_cell.length_a   23.588
_cell.length_b   106.158
_cell.length_c   113.225
_cell.angle_alpha   77.56
_cell.angle_beta   90.14
_cell.angle_gamma   83.80
#
_symmetry.space_group_name_H-M   'P 1'
#
loop_
_entity.id
_entity.type
_entity.pdbx_description
1 polymer 'Glial fibrillary acidic protein'
2 water water
#
_entity_poly.entity_id   1
_entity_poly.type   'polypeptide(L)'
_entity_poly.pdbx_seq_one_letter_code
;HMTKLADVYQAELRELRLRLDQLTANSARLEVERDNLAQDLATVRQKLQDETNLRLEAENNLAAYRQEADEATLARLDLE
RKIESLEEEIRFLRKIHEEEVRELQE
;
_entity_poly.pdbx_strand_id   A,B,C,D,E,F,G,H
#
# COMPACT_ATOMS: atom_id res chain seq x y z
N THR A 3 -39.92 -58.42 -3.10
CA THR A 3 -39.35 -57.32 -2.31
C THR A 3 -37.83 -57.43 -2.21
N LYS A 4 -37.34 -58.64 -2.02
CA LYS A 4 -35.90 -58.92 -2.01
C LYS A 4 -35.26 -58.52 -3.35
N LEU A 5 -35.96 -58.79 -4.45
CA LEU A 5 -35.53 -58.36 -5.80
C LEU A 5 -35.41 -56.84 -5.90
N ALA A 6 -36.48 -56.16 -5.49
CA ALA A 6 -36.52 -54.69 -5.45
C ALA A 6 -35.40 -54.11 -4.58
N ASP A 7 -35.10 -54.77 -3.46
CA ASP A 7 -34.00 -54.35 -2.58
C ASP A 7 -32.63 -54.44 -3.23
N VAL A 8 -32.38 -55.51 -3.98
CA VAL A 8 -31.12 -55.66 -4.72
C VAL A 8 -30.93 -54.53 -5.73
N TYR A 9 -31.99 -54.28 -6.50
CA TYR A 9 -31.99 -53.22 -7.52
C TYR A 9 -31.83 -51.81 -6.92
N GLN A 10 -32.61 -51.53 -5.88
CA GLN A 10 -32.56 -50.24 -5.18
C GLN A 10 -31.19 -49.98 -4.54
N ALA A 11 -30.55 -51.04 -4.05
CA ALA A 11 -29.20 -50.95 -3.48
C ALA A 11 -28.17 -50.47 -4.50
N GLU A 12 -28.17 -51.13 -5.67
CA GLU A 12 -27.28 -50.73 -6.78
C GLU A 12 -27.61 -49.32 -7.30
N LEU A 13 -28.90 -49.01 -7.39
CA LEU A 13 -29.32 -47.66 -7.81
C LEU A 13 -28.82 -46.60 -6.84
N ARG A 14 -29.00 -46.86 -5.55
CA ARG A 14 -28.59 -45.93 -4.50
C ARG A 14 -27.09 -45.64 -4.56
N GLU A 15 -26.29 -46.69 -4.71
CA GLU A 15 -24.83 -46.54 -4.86
C GLU A 15 -24.44 -45.66 -6.04
N LEU A 16 -25.03 -45.95 -7.20
CA LEU A 16 -24.73 -45.18 -8.42
C LEU A 16 -25.14 -43.71 -8.31
N ARG A 17 -26.29 -43.45 -7.69
CA ARG A 17 -26.73 -42.08 -7.44
C ARG A 17 -25.81 -41.32 -6.48
N LEU A 18 -25.31 -42.03 -5.47
CA LEU A 18 -24.34 -41.46 -4.52
C LEU A 18 -23.06 -41.01 -5.22
N ARG A 19 -22.46 -41.94 -5.96
CA ARG A 19 -21.27 -41.64 -6.78
C ARG A 19 -21.49 -40.50 -7.77
N LEU A 20 -22.66 -40.49 -8.40
CA LEU A 20 -23.01 -39.48 -9.40
C LEU A 20 -23.09 -38.08 -8.79
N ASP A 21 -23.71 -37.99 -7.62
CA ASP A 21 -23.85 -36.72 -6.88
C ASP A 21 -22.48 -36.15 -6.48
N GLN A 22 -21.58 -37.03 -6.03
CA GLN A 22 -20.21 -36.65 -5.67
C GLN A 22 -19.41 -36.15 -6.87
N LEU A 23 -19.56 -36.84 -8.01
CA LEU A 23 -18.87 -36.43 -9.25
C LEU A 23 -19.34 -35.10 -9.80
N THR A 24 -20.65 -34.85 -9.75
CA THR A 24 -21.22 -33.58 -10.20
C THR A 24 -20.68 -32.41 -9.37
N ALA A 25 -20.63 -32.61 -8.06
CA ALA A 25 -20.07 -31.62 -7.13
C ALA A 25 -18.59 -31.34 -7.42
N ASN A 26 -17.81 -32.41 -7.50
CA ASN A 26 -16.38 -32.33 -7.85
C ASN A 26 -16.11 -31.64 -9.19
N SER A 27 -16.92 -31.96 -10.19
CA SER A 27 -16.82 -31.35 -11.54
C SER A 27 -17.10 -29.83 -11.52
N ALA A 28 -18.13 -29.43 -10.77
CA ALA A 28 -18.47 -28.00 -10.60
C ALA A 28 -17.33 -27.19 -9.97
N ARG A 29 -16.73 -27.77 -8.94
CA ARG A 29 -15.56 -27.19 -8.26
C ARG A 29 -14.34 -27.07 -9.18
N LEU A 30 -14.08 -28.14 -9.94
CA LEU A 30 -12.99 -28.16 -10.93
C LEU A 30 -13.16 -27.12 -12.04
N GLU A 31 -14.40 -26.95 -12.51
CA GLU A 31 -14.70 -25.95 -13.53
C GLU A 31 -14.44 -24.52 -13.05
N VAL A 32 -14.77 -24.26 -11.78
CA VAL A 32 -14.49 -22.97 -11.15
C VAL A 32 -12.98 -22.71 -11.08
N GLU A 33 -12.24 -23.70 -10.58
CA GLU A 33 -10.78 -23.58 -10.48
C GLU A 33 -10.10 -23.40 -11.84
N ARG A 34 -10.58 -24.14 -12.84
CA ARG A 34 -10.07 -24.01 -14.21
C ARG A 34 -10.34 -22.61 -14.79
N ASP A 35 -11.56 -22.12 -14.62
CA ASP A 35 -11.93 -20.75 -15.07
C ASP A 35 -11.01 -19.67 -14.46
N ASN A 36 -10.71 -19.82 -13.18
CA ASN A 36 -9.81 -18.91 -12.45
C ASN A 36 -8.36 -18.96 -12.94
N LEU A 37 -7.83 -20.19 -13.05
CA LEU A 37 -6.47 -20.38 -13.58
C LEU A 37 -6.30 -19.80 -14.99
N ALA A 38 -7.33 -19.96 -15.82
CA ALA A 38 -7.33 -19.42 -17.19
C ALA A 38 -7.30 -17.89 -17.23
N GLN A 39 -8.10 -17.26 -16.37
CA GLN A 39 -8.11 -15.78 -16.30
C GLN A 39 -6.75 -15.23 -15.86
N ASP A 40 -6.19 -15.83 -14.82
CA ASP A 40 -4.89 -15.43 -14.29
C ASP A 40 -3.75 -15.67 -15.28
N LEU A 41 -3.85 -16.77 -16.01
CA LEU A 41 -2.90 -17.09 -17.08
C LEU A 41 -2.92 -16.03 -18.20
N ALA A 42 -4.12 -15.59 -18.57
CA ALA A 42 -4.28 -14.51 -19.56
C ALA A 42 -3.66 -13.19 -19.10
N THR A 43 -3.88 -12.84 -17.83
CA THR A 43 -3.31 -11.59 -17.27
C THR A 43 -1.78 -11.64 -17.27
N VAL A 44 -1.21 -12.68 -16.67
CA VAL A 44 0.26 -12.77 -16.51
C VAL A 44 0.97 -12.89 -17.88
N ARG A 45 0.32 -13.51 -18.86
CA ARG A 45 0.82 -13.51 -20.25
C ARG A 45 0.91 -12.10 -20.85
N GLN A 46 -0.09 -11.28 -20.55
CA GLN A 46 -0.10 -9.87 -20.95
C GLN A 46 1.02 -9.07 -20.28
N LYS A 47 1.22 -9.29 -18.98
CA LYS A 47 2.30 -8.65 -18.20
C LYS A 47 3.67 -9.04 -18.78
N LEU A 48 3.80 -10.31 -19.16
CA LEU A 48 5.02 -10.83 -19.81
C LEU A 48 5.31 -10.14 -21.14
N GLN A 49 4.29 -10.03 -21.98
CA GLN A 49 4.42 -9.36 -23.29
C GLN A 49 4.87 -7.91 -23.14
N ASP A 50 4.22 -7.20 -22.21
CA ASP A 50 4.56 -5.81 -21.90
C ASP A 50 6.02 -5.65 -21.46
N GLU A 51 6.41 -6.47 -20.49
CA GLU A 51 7.79 -6.46 -19.94
C GLU A 51 8.85 -6.88 -20.96
N THR A 52 8.48 -7.76 -21.88
CA THR A 52 9.35 -8.16 -23.00
C THR A 52 9.58 -6.99 -23.95
N ASN A 53 8.52 -6.26 -24.29
CA ASN A 53 8.62 -5.08 -25.15
C ASN A 53 9.54 -3.99 -24.59
N LEU A 54 9.42 -3.74 -23.28
CA LEU A 54 10.31 -2.78 -22.60
C LEU A 54 11.76 -3.24 -22.54
N ARG A 55 11.95 -4.52 -22.23
CA ARG A 55 13.29 -5.11 -22.24
C ARG A 55 13.94 -4.96 -23.61
N LEU A 56 13.19 -5.32 -24.63
CA LEU A 56 13.65 -5.29 -26.01
C LEU A 56 14.12 -3.89 -26.46
N GLU A 57 13.31 -2.87 -26.18
CA GLU A 57 13.69 -1.47 -26.52
C GLU A 57 14.97 -1.04 -25.80
N ALA A 58 15.06 -1.41 -24.52
CA ALA A 58 16.23 -1.07 -23.70
C ALA A 58 17.49 -1.70 -24.29
N GLU A 59 17.42 -3.01 -24.53
CA GLU A 59 18.52 -3.75 -25.15
C GLU A 59 18.95 -3.22 -26.54
N ASN A 60 17.99 -2.74 -27.31
CA ASN A 60 18.26 -2.12 -28.63
C ASN A 60 19.05 -0.79 -28.53
N ASN A 61 18.66 0.04 -27.58
CA ASN A 61 19.37 1.30 -27.28
C ASN A 61 20.81 1.13 -26.78
N LEU A 62 21.07 -0.01 -26.12
CA LEU A 62 22.38 -0.30 -25.50
C LEU A 62 23.62 -0.08 -26.39
N ALA A 63 23.68 -0.76 -27.53
CA ALA A 63 24.86 -0.71 -28.44
C ALA A 63 25.31 0.72 -28.82
N ALA A 64 24.35 1.54 -29.20
CA ALA A 64 24.61 2.95 -29.57
C ALA A 64 25.14 3.77 -28.39
N TYR A 65 24.55 3.55 -27.21
CA TYR A 65 24.99 4.25 -26.00
C TYR A 65 26.37 3.82 -25.54
N ARG A 66 26.70 2.53 -25.72
CA ARG A 66 28.04 2.05 -25.41
C ARG A 66 29.10 2.68 -26.30
N GLN A 67 28.76 2.85 -27.59
CA GLN A 67 29.66 3.53 -28.52
C GLN A 67 29.89 4.99 -28.15
N GLU A 68 28.80 5.69 -27.84
CA GLU A 68 28.87 7.08 -27.36
C GLU A 68 29.83 7.22 -26.16
N ALA A 69 29.70 6.31 -25.20
CA ALA A 69 30.55 6.30 -24.00
C ALA A 69 32.02 6.05 -24.33
N ASP A 70 32.26 5.08 -25.21
CA ASP A 70 33.62 4.73 -25.67
C ASP A 70 34.30 5.92 -26.35
N GLU A 71 33.62 6.53 -27.31
CA GLU A 71 34.16 7.68 -28.04
C GLU A 71 34.42 8.89 -27.13
N ALA A 72 33.51 9.15 -26.20
CA ALA A 72 33.67 10.23 -25.22
C ALA A 72 34.87 9.99 -24.30
N THR A 73 35.04 8.74 -23.88
CA THR A 73 36.18 8.36 -23.04
C THR A 73 37.50 8.47 -23.82
N LEU A 74 37.49 8.04 -25.08
CA LEU A 74 38.68 8.15 -25.95
C LEU A 74 39.09 9.60 -26.16
N ALA A 75 38.12 10.47 -26.37
CA ALA A 75 38.37 11.91 -26.51
C ALA A 75 38.98 12.51 -25.24
N ARG A 76 38.44 12.13 -24.09
CA ARG A 76 38.99 12.58 -22.79
C ARG A 76 40.46 12.19 -22.65
N LEU A 77 40.75 10.92 -22.93
CA LEU A 77 42.11 10.40 -22.81
C LEU A 77 43.10 11.10 -23.72
N ASP A 78 42.67 11.36 -24.96
CA ASP A 78 43.47 12.10 -25.92
C ASP A 78 43.89 13.44 -25.33
N LEU A 79 42.93 14.14 -24.72
CA LEU A 79 43.21 15.46 -24.11
C LEU A 79 44.14 15.39 -22.89
N GLU A 80 43.91 14.40 -22.02
CA GLU A 80 44.78 14.19 -20.84
C GLU A 80 46.24 13.94 -21.26
N ARG A 81 46.40 13.22 -22.37
CA ARG A 81 47.73 12.95 -22.94
C ARG A 81 48.39 14.22 -23.49
N LYS A 82 47.62 15.04 -24.21
CA LYS A 82 48.12 16.34 -24.69
C LYS A 82 48.59 17.21 -23.53
N ILE A 83 47.87 17.15 -22.42
CA ILE A 83 48.27 17.88 -21.20
C ILE A 83 49.63 17.42 -20.68
N GLU A 84 49.77 16.11 -20.53
CA GLU A 84 51.05 15.51 -20.10
C GLU A 84 52.19 15.91 -21.02
N SER A 85 51.91 15.90 -22.32
CA SER A 85 52.88 16.30 -23.34
C SER A 85 53.33 17.75 -23.19
N LEU A 86 52.36 18.65 -22.96
CA LEU A 86 52.67 20.08 -22.80
C LEU A 86 53.47 20.38 -21.54
N GLU A 87 53.09 19.73 -20.44
CA GLU A 87 53.81 19.89 -19.16
C GLU A 87 55.25 19.29 -19.23
N GLU A 88 55.41 18.20 -19.97
CA GLU A 88 56.75 17.65 -20.29
C GLU A 88 57.58 18.65 -21.09
N GLU A 89 56.96 19.23 -22.12
CA GLU A 89 57.60 20.20 -23.01
C GLU A 89 58.08 21.43 -22.23
N ILE A 90 57.24 21.93 -21.34
CA ILE A 90 57.60 23.05 -20.46
C ILE A 90 58.85 22.75 -19.64
N ARG A 91 58.83 21.63 -18.93
CA ARG A 91 59.96 21.21 -18.08
C ARG A 91 61.27 21.10 -18.87
N PHE A 92 61.17 20.50 -20.06
CA PHE A 92 62.30 20.37 -20.97
C PHE A 92 62.83 21.73 -21.41
N LEU A 93 61.91 22.62 -21.80
CA LEU A 93 62.28 23.98 -22.21
C LEU A 93 63.06 24.71 -21.13
N ARG A 94 62.61 24.60 -19.88
CA ARG A 94 63.30 25.26 -18.76
C ARG A 94 64.72 24.73 -18.55
N LYS A 95 64.90 23.42 -18.65
CA LYS A 95 66.25 22.81 -18.51
C LYS A 95 67.18 23.27 -19.63
N ILE A 96 66.68 23.17 -20.85
CA ILE A 96 67.41 23.58 -22.07
C ILE A 96 67.79 25.07 -22.00
N HIS A 97 66.84 25.87 -21.54
CA HIS A 97 67.01 27.33 -21.43
C HIS A 97 68.06 27.70 -20.38
N GLU A 98 67.93 27.09 -19.22
CA GLU A 98 68.90 27.25 -18.13
C GLU A 98 70.32 26.87 -18.57
N GLU A 99 70.43 25.80 -19.34
CA GLU A 99 71.73 25.37 -19.90
C GLU A 99 72.31 26.35 -20.92
N GLU A 100 71.44 26.88 -21.77
CA GLU A 100 71.85 27.85 -22.80
C GLU A 100 72.32 29.17 -22.21
N VAL A 101 71.67 29.63 -21.14
CA VAL A 101 72.12 30.86 -20.44
C VAL A 101 73.44 30.65 -19.68
N ARG A 102 73.69 29.43 -19.20
CA ARG A 102 74.99 29.09 -18.57
C ARG A 102 76.12 29.10 -19.58
N GLU A 103 75.82 28.65 -20.80
CA GLU A 103 76.78 28.59 -21.91
C GLU A 103 77.17 29.98 -22.44
N LEU A 104 76.22 30.91 -22.35
CA LEU A 104 76.49 32.33 -22.68
C LEU A 104 77.12 33.13 -21.51
N GLN A 105 77.56 32.43 -20.46
CA GLN A 105 78.40 33.01 -19.40
C GLN A 105 79.77 32.33 -19.39
N THR B 3 -42.43 -58.19 -13.01
CA THR B 3 -41.58 -58.25 -14.21
C THR B 3 -41.48 -56.84 -14.79
N LYS B 4 -42.60 -56.13 -14.77
CA LYS B 4 -42.65 -54.74 -15.17
C LYS B 4 -41.76 -53.91 -14.27
N LEU B 5 -41.74 -54.25 -12.99
CA LEU B 5 -40.92 -53.58 -12.01
C LEU B 5 -39.41 -53.72 -12.24
N ALA B 6 -38.96 -54.93 -12.50
CA ALA B 6 -37.55 -55.18 -12.76
C ALA B 6 -37.14 -54.44 -14.00
N ASP B 7 -38.05 -54.35 -14.96
CA ASP B 7 -37.77 -53.66 -16.20
C ASP B 7 -37.60 -52.16 -16.00
N VAL B 8 -38.39 -51.54 -15.13
CA VAL B 8 -38.19 -50.10 -14.84
C VAL B 8 -36.83 -49.87 -14.17
N TYR B 9 -36.45 -50.77 -13.26
CA TYR B 9 -35.18 -50.68 -12.53
C TYR B 9 -33.96 -50.90 -13.42
N GLN B 10 -33.99 -51.94 -14.25
CA GLN B 10 -32.90 -52.22 -15.20
C GLN B 10 -32.68 -51.07 -16.20
N ALA B 11 -33.78 -50.43 -16.60
CA ALA B 11 -33.72 -49.25 -17.48
C ALA B 11 -32.98 -48.09 -16.83
N GLU B 12 -33.40 -47.75 -15.60
CA GLU B 12 -32.72 -46.70 -14.82
C GLU B 12 -31.27 -47.06 -14.51
N LEU B 13 -31.00 -48.32 -14.24
CA LEU B 13 -29.64 -48.80 -13.97
C LEU B 13 -28.72 -48.55 -15.18
N ARG B 14 -29.21 -48.93 -16.36
CA ARG B 14 -28.49 -48.71 -17.62
C ARG B 14 -28.20 -47.23 -17.88
N GLU B 15 -29.22 -46.39 -17.71
CA GLU B 15 -29.08 -44.93 -17.88
C GLU B 15 -28.02 -44.34 -16.95
N LEU B 16 -28.09 -44.69 -15.67
CA LEU B 16 -27.15 -44.17 -14.68
C LEU B 16 -25.71 -44.58 -14.96
N ARG B 17 -25.51 -45.83 -15.39
CA ARG B 17 -24.17 -46.30 -15.77
C ARG B 17 -23.61 -45.58 -16.99
N LEU B 18 -24.49 -45.28 -17.95
CA LEU B 18 -24.12 -44.49 -19.13
C LEU B 18 -23.65 -43.08 -18.75
N ARG B 19 -24.50 -42.38 -18.01
CA ARG B 19 -24.17 -41.04 -17.50
C ARG B 19 -22.89 -41.04 -16.66
N LEU B 20 -22.75 -42.04 -15.79
CA LEU B 20 -21.60 -42.14 -14.88
C LEU B 20 -20.28 -42.26 -15.62
N ASP B 21 -20.29 -43.07 -16.68
CA ASP B 21 -19.11 -43.25 -17.53
C ASP B 21 -18.70 -41.94 -18.23
N GLN B 22 -19.69 -41.20 -18.72
CA GLN B 22 -19.45 -39.88 -19.34
C GLN B 22 -18.91 -38.87 -18.35
N LEU B 23 -19.49 -38.83 -17.16
CA LEU B 23 -19.08 -37.90 -16.12
C LEU B 23 -17.68 -38.19 -15.57
N THR B 24 -17.34 -39.47 -15.45
CA THR B 24 -15.99 -39.87 -15.03
C THR B 24 -14.95 -39.44 -16.06
N ALA B 25 -15.26 -39.63 -17.33
CA ALA B 25 -14.41 -39.17 -18.44
C ALA B 25 -14.22 -37.67 -18.41
N ASN B 26 -15.34 -36.95 -18.31
CA ASN B 26 -15.35 -35.49 -18.22
C ASN B 26 -14.53 -34.95 -17.05
N SER B 27 -14.69 -35.57 -15.88
CA SER B 27 -13.94 -35.19 -14.66
C SER B 27 -12.44 -35.39 -14.81
N ALA B 28 -12.06 -36.52 -15.41
CA ALA B 28 -10.65 -36.84 -15.68
C ALA B 28 -10.03 -35.81 -16.60
N ARG B 29 -10.77 -35.44 -17.64
CA ARG B 29 -10.37 -34.40 -18.58
C ARG B 29 -10.20 -33.05 -17.89
N LEU B 30 -11.18 -32.65 -17.09
CA LEU B 30 -11.10 -31.39 -16.32
C LEU B 30 -9.90 -31.31 -15.39
N GLU B 31 -9.61 -32.42 -14.73
CA GLU B 31 -8.44 -32.48 -13.84
C GLU B 31 -7.14 -32.30 -14.60
N VAL B 32 -7.08 -32.88 -15.81
CA VAL B 32 -5.93 -32.72 -16.70
C VAL B 32 -5.81 -31.26 -17.14
N GLU B 33 -6.92 -30.65 -17.56
CA GLU B 33 -6.93 -29.24 -17.98
C GLU B 33 -6.45 -28.34 -16.84
N ARG B 34 -6.98 -28.56 -15.65
CA ARG B 34 -6.61 -27.75 -14.48
C ARG B 34 -5.12 -27.88 -14.13
N ASP B 35 -4.61 -29.12 -14.14
CA ASP B 35 -3.17 -29.37 -13.90
C ASP B 35 -2.28 -28.64 -14.90
N ASN B 36 -2.71 -28.64 -16.16
CA ASN B 36 -2.00 -27.95 -17.24
C ASN B 36 -2.00 -26.43 -17.09
N LEU B 37 -3.18 -25.85 -16.86
CA LEU B 37 -3.29 -24.40 -16.63
C LEU B 37 -2.40 -23.92 -15.47
N ALA B 38 -2.38 -24.71 -14.40
CA ALA B 38 -1.54 -24.41 -13.22
C ALA B 38 -0.04 -24.47 -13.53
N GLN B 39 0.36 -25.50 -14.27
CA GLN B 39 1.75 -25.67 -14.72
C GLN B 39 2.20 -24.50 -15.60
N ASP B 40 1.37 -24.15 -16.58
CA ASP B 40 1.64 -23.03 -17.50
C ASP B 40 1.67 -21.68 -16.78
N LEU B 41 0.78 -21.51 -15.80
CA LEU B 41 0.76 -20.31 -14.98
C LEU B 41 2.07 -20.13 -14.20
N ALA B 42 2.56 -21.22 -13.62
CA ALA B 42 3.87 -21.22 -12.93
C ALA B 42 5.00 -20.87 -13.89
N THR B 43 4.96 -21.43 -15.09
CA THR B 43 5.95 -21.20 -16.15
C THR B 43 6.00 -19.73 -16.55
N VAL B 44 4.86 -19.18 -16.96
CA VAL B 44 4.80 -17.79 -17.46
C VAL B 44 5.12 -16.76 -16.36
N ARG B 45 4.77 -17.07 -15.11
CA ARG B 45 5.16 -16.24 -13.95
C ARG B 45 6.68 -16.19 -13.78
N GLN B 46 7.33 -17.33 -14.00
CA GLN B 46 8.79 -17.41 -13.97
C GLN B 46 9.42 -16.62 -15.13
N LYS B 47 8.87 -16.78 -16.32
CA LYS B 47 9.30 -16.00 -17.50
C LYS B 47 9.16 -14.49 -17.27
N LEU B 48 8.06 -14.09 -16.65
CA LEU B 48 7.81 -12.67 -16.28
C LEU B 48 8.89 -12.13 -15.36
N GLN B 49 9.18 -12.90 -14.31
CA GLN B 49 10.21 -12.52 -13.34
C GLN B 49 11.59 -12.39 -13.99
N ASP B 50 11.92 -13.36 -14.84
CA ASP B 50 13.17 -13.35 -15.62
C ASP B 50 13.26 -12.12 -16.52
N GLU B 51 12.21 -11.88 -17.30
CA GLU B 51 12.16 -10.76 -18.27
C GLU B 51 12.19 -9.39 -17.58
N THR B 52 11.63 -9.31 -16.37
CA THR B 52 11.72 -8.11 -15.54
C THR B 52 13.16 -7.87 -15.09
N ASN B 53 13.83 -8.92 -14.63
CA ASN B 53 15.25 -8.83 -14.23
C ASN B 53 16.17 -8.39 -15.36
N LEU B 54 15.95 -8.95 -16.55
CA LEU B 54 16.72 -8.55 -17.74
C LEU B 54 16.44 -7.11 -18.16
N ARG B 55 15.17 -6.70 -18.09
CA ARG B 55 14.81 -5.31 -18.37
C ARG B 55 15.54 -4.35 -17.44
N LEU B 56 15.47 -4.63 -16.13
CA LEU B 56 16.14 -3.78 -15.12
C LEU B 56 17.64 -3.67 -15.36
N GLU B 57 18.29 -4.79 -15.63
CA GLU B 57 19.72 -4.80 -15.92
C GLU B 57 20.07 -4.01 -17.19
N ALA B 58 19.25 -4.14 -18.23
CA ALA B 58 19.43 -3.39 -19.48
C ALA B 58 19.33 -1.88 -19.22
N GLU B 59 18.23 -1.49 -18.56
CA GLU B 59 18.02 -0.09 -18.18
C GLU B 59 19.16 0.49 -17.31
N ASN B 60 19.72 -0.32 -16.43
CA ASN B 60 20.88 0.07 -15.60
C ASN B 60 22.17 0.29 -16.41
N ASN B 61 22.43 -0.60 -17.35
CA ASN B 61 23.55 -0.48 -18.28
C ASN B 61 23.43 0.74 -19.20
N LEU B 62 22.20 1.07 -19.57
CA LEU B 62 21.91 2.26 -20.39
C LEU B 62 22.25 3.49 -19.58
N ALA B 63 21.67 3.56 -18.39
CA ALA B 63 21.96 4.63 -17.42
C ALA B 63 23.47 4.81 -17.16
N ALA B 64 24.16 3.69 -16.96
CA ALA B 64 25.61 3.69 -16.71
C ALA B 64 26.42 4.23 -17.88
N TYR B 65 26.03 3.83 -19.09
CA TYR B 65 26.70 4.32 -20.32
C TYR B 65 26.46 5.82 -20.57
N ARG B 66 25.24 6.29 -20.27
CA ARG B 66 24.93 7.73 -20.38
C ARG B 66 25.75 8.55 -19.39
N GLN B 67 25.85 8.07 -18.16
CA GLN B 67 26.60 8.75 -17.11
C GLN B 67 28.08 8.81 -17.41
N GLU B 68 28.62 7.71 -17.92
CA GLU B 68 30.04 7.63 -18.25
C GLU B 68 30.38 8.64 -19.34
N ALA B 69 29.52 8.73 -20.35
CA ALA B 69 29.75 9.65 -21.45
C ALA B 69 29.74 11.07 -20.93
N ASP B 70 28.80 11.36 -20.04
CA ASP B 70 28.69 12.69 -19.46
C ASP B 70 29.95 13.04 -18.67
N GLU B 71 30.47 12.06 -17.92
CA GLU B 71 31.67 12.29 -17.14
C GLU B 71 32.84 12.57 -18.08
N ALA B 72 32.90 11.79 -19.16
CA ALA B 72 33.95 11.92 -20.16
C ALA B 72 33.90 13.25 -20.88
N THR B 73 32.70 13.72 -21.18
CA THR B 73 32.54 14.99 -21.90
C THR B 73 32.91 16.18 -21.01
N LEU B 74 32.44 16.14 -19.77
CA LEU B 74 32.76 17.20 -18.79
C LEU B 74 34.26 17.29 -18.52
N ALA B 75 34.89 16.13 -18.34
CA ALA B 75 36.33 16.07 -18.15
C ALA B 75 37.08 16.64 -19.36
N ARG B 76 36.64 16.25 -20.56
CA ARG B 76 37.21 16.76 -21.81
C ARG B 76 37.20 18.28 -21.85
N LEU B 77 36.04 18.86 -21.56
CA LEU B 77 35.88 20.33 -21.57
C LEU B 77 36.81 21.04 -20.58
N ASP B 78 36.90 20.51 -19.36
CA ASP B 78 37.85 21.01 -18.35
C ASP B 78 39.30 20.96 -18.86
N LEU B 79 39.64 19.86 -19.51
CA LEU B 79 40.99 19.63 -20.05
C LEU B 79 41.32 20.58 -21.18
N GLU B 80 40.38 20.84 -22.09
CA GLU B 80 40.59 21.76 -23.22
C GLU B 80 40.98 23.16 -22.73
N ARG B 81 40.39 23.58 -21.62
CA ARG B 81 40.75 24.87 -20.98
C ARG B 81 42.15 24.85 -20.37
N LYS B 82 42.49 23.77 -19.69
CA LYS B 82 43.87 23.58 -19.19
C LYS B 82 44.91 23.57 -20.32
N ILE B 83 44.52 23.01 -21.47
CA ILE B 83 45.38 23.00 -22.67
C ILE B 83 45.65 24.41 -23.17
N GLU B 84 44.61 25.21 -23.27
CA GLU B 84 44.75 26.63 -23.67
C GLU B 84 45.69 27.38 -22.72
N SER B 85 45.53 27.15 -21.41
CA SER B 85 46.43 27.71 -20.38
C SER B 85 47.90 27.31 -20.59
N LEU B 86 48.13 26.03 -20.85
CA LEU B 86 49.49 25.51 -21.06
C LEU B 86 50.15 26.04 -22.33
N GLU B 87 49.37 26.16 -23.41
CA GLU B 87 49.86 26.73 -24.67
C GLU B 87 50.24 28.20 -24.52
N GLU B 88 49.44 28.95 -23.76
CA GLU B 88 49.79 30.34 -23.41
C GLU B 88 51.12 30.40 -22.65
N GLU B 89 51.23 29.55 -21.65
CA GLU B 89 52.45 29.46 -20.82
C GLU B 89 53.70 29.16 -21.66
N ILE B 90 53.57 28.22 -22.61
CA ILE B 90 54.65 27.90 -23.54
C ILE B 90 55.08 29.12 -24.34
N ARG B 91 54.11 29.80 -24.95
CA ARG B 91 54.37 31.01 -25.75
C ARG B 91 55.13 32.06 -24.95
N PHE B 92 54.66 32.32 -23.73
CA PHE B 92 55.30 33.29 -22.81
C PHE B 92 56.73 32.86 -22.46
N LEU B 93 56.93 31.58 -22.17
CA LEU B 93 58.29 31.04 -21.92
C LEU B 93 59.27 31.28 -23.07
N ARG B 94 58.84 31.00 -24.29
CA ARG B 94 59.69 31.19 -25.47
C ARG B 94 60.06 32.65 -25.69
N LYS B 95 59.07 33.53 -25.52
CA LYS B 95 59.21 34.99 -25.66
C LYS B 95 60.23 35.53 -24.67
N ILE B 96 60.05 35.15 -23.41
CA ILE B 96 60.93 35.55 -22.29
C ILE B 96 62.37 35.06 -22.50
N HIS B 97 62.49 33.82 -22.99
CA HIS B 97 63.80 33.19 -23.19
C HIS B 97 64.56 33.71 -24.40
N GLU B 98 63.81 33.92 -25.49
CA GLU B 98 64.34 34.59 -26.69
C GLU B 98 64.86 36.00 -26.38
N GLU B 99 64.16 36.70 -25.49
CA GLU B 99 64.58 38.04 -25.03
C GLU B 99 65.87 37.99 -24.22
N GLU B 100 65.92 37.07 -23.25
CA GLU B 100 67.08 36.90 -22.36
C GLU B 100 68.34 36.51 -23.15
N VAL B 101 68.13 35.68 -24.17
CA VAL B 101 69.18 35.23 -25.09
C VAL B 101 69.74 36.40 -25.93
N ARG B 102 68.87 37.31 -26.36
CA ARG B 102 69.30 38.49 -27.12
C ARG B 102 70.11 39.46 -26.26
N GLU B 103 69.68 39.65 -25.01
CA GLU B 103 70.35 40.58 -24.09
C GLU B 103 71.73 40.11 -23.66
N LEU B 104 71.88 38.80 -23.43
CA LEU B 104 73.19 38.22 -23.08
C LEU B 104 74.19 38.21 -24.27
N GLN B 105 73.74 38.70 -25.43
CA GLN B 105 74.59 38.86 -26.61
C GLN B 105 74.76 40.33 -26.95
N HIS C 1 22.14 67.57 -16.37
CA HIS C 1 20.90 68.41 -16.47
C HIS C 1 19.63 67.57 -16.76
N MET C 2 19.33 67.37 -18.05
CA MET C 2 18.20 66.57 -18.52
C MET C 2 18.45 65.11 -18.16
N THR C 3 19.70 64.68 -18.27
CA THR C 3 20.09 63.29 -18.02
C THR C 3 20.01 62.95 -16.54
N LYS C 4 20.46 63.85 -15.68
CA LYS C 4 20.37 63.67 -14.22
C LYS C 4 18.90 63.55 -13.78
N LEU C 5 18.03 64.35 -14.39
CA LEU C 5 16.58 64.28 -14.16
C LEU C 5 16.01 62.90 -14.53
N ALA C 6 16.35 62.46 -15.75
CA ALA C 6 15.97 61.14 -16.24
C ALA C 6 16.46 60.02 -15.32
N ASP C 7 17.67 60.16 -14.80
CA ASP C 7 18.25 59.18 -13.86
C ASP C 7 17.48 59.06 -12.55
N VAL C 8 17.06 60.19 -12.00
CA VAL C 8 16.25 60.21 -10.78
C VAL C 8 14.92 59.47 -10.99
N TYR C 9 14.25 59.80 -12.10
CA TYR C 9 12.97 59.19 -12.46
C TYR C 9 13.10 57.68 -12.75
N GLN C 10 14.10 57.31 -13.54
CA GLN C 10 14.36 55.89 -13.88
C GLN C 10 14.70 55.05 -12.64
N ALA C 11 15.40 55.66 -11.69
CA ALA C 11 15.72 54.99 -10.41
C ALA C 11 14.47 54.62 -9.62
N GLU C 12 13.56 55.59 -9.46
CA GLU C 12 12.29 55.34 -8.78
C GLU C 12 11.42 54.34 -9.55
N LEU C 13 11.40 54.48 -10.88
CA LEU C 13 10.65 53.53 -11.72
C LEU C 13 11.17 52.10 -11.55
N ARG C 14 12.49 51.95 -11.57
CA ARG C 14 13.13 50.64 -11.45
C ARG C 14 12.76 49.97 -10.14
N GLU C 15 12.83 50.72 -9.05
CA GLU C 15 12.43 50.20 -7.73
C GLU C 15 10.99 49.73 -7.68
N LEU C 16 10.06 50.55 -8.17
CA LEU C 16 8.63 50.19 -8.18
C LEU C 16 8.37 48.93 -9.03
N ARG C 17 9.00 48.85 -10.19
CA ARG C 17 8.82 47.69 -11.07
C ARG C 17 9.28 46.39 -10.43
N LEU C 18 10.42 46.43 -9.75
CA LEU C 18 10.96 45.24 -9.11
C LEU C 18 10.03 44.74 -8.02
N ARG C 19 9.48 45.67 -7.25
CA ARG C 19 8.56 45.31 -6.16
C ARG C 19 7.32 44.66 -6.76
N LEU C 20 6.84 45.21 -7.86
CA LEU C 20 5.66 44.69 -8.53
C LEU C 20 5.93 43.28 -9.01
N ASP C 21 7.12 43.05 -9.55
CA ASP C 21 7.51 41.73 -10.03
C ASP C 21 7.53 40.74 -8.88
N GLN C 22 8.08 41.18 -7.75
CA GLN C 22 8.16 40.33 -6.56
C GLN C 22 6.78 39.98 -6.02
N LEU C 23 5.90 40.96 -6.04
CA LEU C 23 4.51 40.81 -5.55
C LEU C 23 3.64 39.95 -6.45
N THR C 24 3.78 40.13 -7.76
CA THR C 24 3.02 39.31 -8.74
C THR C 24 3.37 37.82 -8.60
N ALA C 25 4.67 37.55 -8.47
CA ALA C 25 5.17 36.18 -8.26
C ALA C 25 4.63 35.58 -6.97
N ASN C 26 4.78 36.33 -5.87
CA ASN C 26 4.25 35.94 -4.55
C ASN C 26 2.74 35.67 -4.57
N SER C 27 1.99 36.55 -5.23
CA SER C 27 0.52 36.42 -5.38
C SER C 27 0.11 35.16 -6.14
N ALA C 28 0.84 34.86 -7.21
CA ALA C 28 0.62 33.64 -8.00
C ALA C 28 0.84 32.36 -7.17
N ARG C 29 1.93 32.35 -6.40
CA ARG C 29 2.25 31.26 -5.44
C ARG C 29 1.12 31.06 -4.43
N LEU C 30 0.70 32.17 -3.82
CA LEU C 30 -0.40 32.17 -2.84
C LEU C 30 -1.72 31.65 -3.41
N GLU C 31 -2.04 32.06 -4.64
CA GLU C 31 -3.25 31.58 -5.33
C GLU C 31 -3.25 30.06 -5.53
N VAL C 32 -2.09 29.53 -5.88
CA VAL C 32 -1.93 28.08 -6.06
C VAL C 32 -2.09 27.33 -4.71
N GLU C 33 -1.46 27.84 -3.67
CA GLU C 33 -1.61 27.26 -2.33
C GLU C 33 -3.04 27.34 -1.79
N ARG C 34 -3.70 28.47 -2.01
CA ARG C 34 -5.11 28.65 -1.61
C ARG C 34 -6.02 27.67 -2.34
N ASP C 35 -5.84 27.53 -3.65
CA ASP C 35 -6.61 26.56 -4.47
C ASP C 35 -6.48 25.12 -3.94
N ASN C 36 -5.26 24.76 -3.54
CA ASN C 36 -4.98 23.43 -2.96
C ASN C 36 -5.63 23.21 -1.59
N LEU C 37 -5.45 24.18 -0.71
CA LEU C 37 -6.08 24.12 0.62
C LEU C 37 -7.61 24.02 0.53
N ALA C 38 -8.21 24.73 -0.42
CA ALA C 38 -9.66 24.68 -0.67
C ALA C 38 -10.13 23.30 -1.14
N GLN C 39 -9.39 22.70 -2.09
CA GLN C 39 -9.72 21.34 -2.59
C GLN C 39 -9.67 20.29 -1.47
N ASP C 40 -8.61 20.35 -0.69
CA ASP C 40 -8.41 19.44 0.45
C ASP C 40 -9.45 19.64 1.56
N LEU C 41 -9.82 20.90 1.78
CA LEU C 41 -10.88 21.24 2.74
C LEU C 41 -12.23 20.65 2.32
N ALA C 42 -12.54 20.75 1.03
CA ALA C 42 -13.76 20.13 0.47
C ALA C 42 -13.77 18.61 0.65
N THR C 43 -12.61 17.99 0.41
CA THR C 43 -12.42 16.54 0.56
C THR C 43 -12.68 16.07 1.99
N VAL C 44 -11.95 16.66 2.94
CA VAL C 44 -12.02 16.26 4.34
C VAL C 44 -13.39 16.58 4.96
N ARG C 45 -14.05 17.65 4.50
CA ARG C 45 -15.44 17.94 4.88
C ARG C 45 -16.41 16.84 4.44
N GLN C 46 -16.19 16.30 3.25
CA GLN C 46 -16.97 15.17 2.73
C GLN C 46 -16.75 13.90 3.56
N LYS C 47 -15.48 13.61 3.86
CA LYS C 47 -15.13 12.46 4.74
C LYS C 47 -15.78 12.59 6.12
N LEU C 48 -15.78 13.80 6.65
CA LEU C 48 -16.44 14.11 7.93
C LEU C 48 -17.94 13.81 7.89
N GLN C 49 -18.60 14.31 6.84
CA GLN C 49 -20.04 14.08 6.65
C GLN C 49 -20.37 12.59 6.56
N ASP C 50 -19.58 11.86 5.79
CA ASP C 50 -19.70 10.40 5.66
C ASP C 50 -19.57 9.68 7.01
N GLU C 51 -18.51 10.02 7.74
CA GLU C 51 -18.25 9.41 9.06
C GLU C 51 -19.31 9.75 10.11
N THR C 52 -19.86 10.96 10.02
CA THR C 52 -20.95 11.39 10.88
C THR C 52 -22.19 10.55 10.63
N ASN C 53 -22.50 10.31 9.35
CA ASN C 53 -23.65 9.46 8.97
C ASN C 53 -23.54 8.03 9.48
N LEU C 54 -22.34 7.45 9.39
CA LEU C 54 -22.09 6.11 9.93
C LEU C 54 -22.16 6.06 11.46
N ARG C 55 -21.59 7.07 12.10
CA ARG C 55 -21.68 7.19 13.57
C ARG C 55 -23.13 7.25 14.02
N LEU C 56 -23.90 8.11 13.36
CA LEU C 56 -25.31 8.32 13.66
C LEU C 56 -26.13 7.03 13.57
N GLU C 57 -25.95 6.31 12.47
CA GLU C 57 -26.62 5.02 12.26
C GLU C 57 -26.26 3.99 13.32
N ALA C 58 -24.98 3.94 13.68
CA ALA C 58 -24.51 3.04 14.76
C ALA C 58 -25.18 3.40 16.10
N GLU C 59 -25.12 4.67 16.46
CA GLU C 59 -25.72 5.17 17.72
C GLU C 59 -27.24 5.03 17.88
N ASN C 60 -27.98 5.14 16.77
CA ASN C 60 -29.46 5.14 16.85
C ASN C 60 -30.06 3.84 17.41
N ASN C 61 -29.62 2.71 16.85
CA ASN C 61 -30.04 1.35 17.27
C ASN C 61 -29.31 0.80 18.54
N LEU C 62 -28.37 1.57 19.11
CA LEU C 62 -27.75 1.27 20.43
C LEU C 62 -28.74 1.04 21.59
N ALA C 63 -29.63 2.00 21.83
CA ALA C 63 -30.62 1.90 22.93
C ALA C 63 -31.46 0.61 22.91
N ALA C 64 -31.95 0.27 21.73
CA ALA C 64 -32.74 -0.97 21.52
C ALA C 64 -31.92 -2.23 21.80
N TYR C 65 -30.68 -2.25 21.32
CA TYR C 65 -29.78 -3.39 21.56
C TYR C 65 -29.43 -3.55 23.04
N ARG C 66 -29.24 -2.43 23.74
CA ARG C 66 -28.98 -2.47 25.18
C ARG C 66 -30.18 -3.04 25.96
N GLN C 67 -31.38 -2.68 25.53
CA GLN C 67 -32.64 -3.21 26.10
C GLN C 67 -32.75 -4.73 25.88
N GLU C 68 -32.47 -5.17 24.66
CA GLU C 68 -32.41 -6.60 24.32
C GLU C 68 -31.46 -7.39 25.22
N ALA C 69 -30.26 -6.85 25.41
CA ALA C 69 -29.23 -7.49 26.25
C ALA C 69 -29.66 -7.58 27.72
N ASP C 70 -30.23 -6.49 28.24
CA ASP C 70 -30.72 -6.43 29.61
C ASP C 70 -31.82 -7.47 29.87
N GLU C 71 -32.81 -7.52 28.99
CA GLU C 71 -33.92 -8.47 29.10
C GLU C 71 -33.44 -9.93 29.01
N ALA C 72 -32.53 -10.18 28.07
CA ALA C 72 -31.93 -11.52 27.91
C ALA C 72 -31.15 -11.95 29.15
N THR C 73 -30.41 -11.01 29.72
CA THR C 73 -29.65 -11.27 30.95
C THR C 73 -30.59 -11.51 32.13
N LEU C 74 -31.65 -10.72 32.23
CA LEU C 74 -32.67 -10.89 33.29
C LEU C 74 -33.36 -12.25 33.22
N ALA C 75 -33.69 -12.68 32.01
CA ALA C 75 -34.28 -14.00 31.78
C ALA C 75 -33.35 -15.13 32.20
N ARG C 76 -32.07 -15.01 31.84
CA ARG C 76 -31.05 -15.98 32.26
C ARG C 76 -30.99 -16.10 33.78
N LEU C 77 -30.90 -14.96 34.46
CA LEU C 77 -30.81 -14.91 35.93
C LEU C 77 -32.01 -15.56 36.60
N ASP C 78 -33.21 -15.26 36.10
CA ASP C 78 -34.44 -15.84 36.59
C ASP C 78 -34.35 -17.37 36.56
N LEU C 79 -33.83 -17.91 35.46
CA LEU C 79 -33.69 -19.35 35.32
C LEU C 79 -32.63 -19.97 36.23
N GLU C 80 -31.49 -19.31 36.35
CA GLU C 80 -30.43 -19.78 37.26
C GLU C 80 -30.95 -19.88 38.70
N ARG C 81 -31.78 -18.91 39.08
CA ARG C 81 -32.39 -18.89 40.42
C ARG C 81 -33.39 -20.03 40.62
N LYS C 82 -34.21 -20.27 39.61
CA LYS C 82 -35.12 -21.41 39.60
C LYS C 82 -34.39 -22.74 39.77
N ILE C 83 -33.23 -22.85 39.13
CA ILE C 83 -32.38 -24.04 39.27
C ILE C 83 -31.92 -24.22 40.71
N GLU C 84 -31.39 -23.15 41.29
CA GLU C 84 -30.96 -23.17 42.70
C GLU C 84 -32.10 -23.56 43.63
N SER C 85 -33.28 -23.02 43.35
CA SER C 85 -34.49 -23.34 44.11
C SER C 85 -34.87 -24.81 44.04
N LEU C 86 -34.82 -25.38 42.83
CA LEU C 86 -35.14 -26.80 42.63
C LEU C 86 -34.13 -27.73 43.31
N GLU C 87 -32.85 -27.39 43.22
CA GLU C 87 -31.79 -28.15 43.90
C GLU C 87 -31.91 -28.07 45.42
N GLU C 88 -32.28 -26.90 45.93
CA GLU C 88 -32.59 -26.71 47.35
C GLU C 88 -33.74 -27.62 47.78
N GLU C 89 -34.80 -27.61 46.97
CA GLU C 89 -36.00 -28.40 47.21
C GLU C 89 -35.67 -29.89 47.28
N ILE C 90 -34.86 -30.36 46.33
CA ILE C 90 -34.40 -31.76 46.33
C ILE C 90 -33.71 -32.12 47.63
N ARG C 91 -32.71 -31.33 48.00
CA ARG C 91 -31.93 -31.58 49.21
C ARG C 91 -32.81 -31.63 50.45
N PHE C 92 -33.73 -30.68 50.53
CA PHE C 92 -34.68 -30.62 51.63
C PHE C 92 -35.59 -31.86 51.68
N LEU C 93 -36.11 -32.24 50.52
CA LEU C 93 -36.95 -33.44 50.41
C LEU C 93 -36.26 -34.68 50.94
N ARG C 94 -34.99 -34.86 50.57
CA ARG C 94 -34.22 -36.02 51.03
C ARG C 94 -34.02 -36.02 52.54
N LYS C 95 -33.74 -34.87 53.13
CA LYS C 95 -33.60 -34.77 54.60
C LYS C 95 -34.90 -35.09 55.31
N ILE C 96 -35.97 -34.45 54.85
CA ILE C 96 -37.33 -34.65 55.39
C ILE C 96 -37.77 -36.11 55.28
N HIS C 97 -37.47 -36.71 54.14
CA HIS C 97 -37.83 -38.10 53.84
C HIS C 97 -37.07 -39.08 54.73
N GLU C 98 -35.76 -38.87 54.83
CA GLU C 98 -34.89 -39.66 55.71
C GLU C 98 -35.35 -39.60 57.17
N GLU C 99 -35.77 -38.42 57.60
CA GLU C 99 -36.31 -38.23 58.95
C GLU C 99 -37.64 -38.92 59.21
N GLU C 100 -38.54 -38.84 58.23
CA GLU C 100 -39.85 -39.49 58.29
C GLU C 100 -39.73 -41.02 58.33
N VAL C 101 -38.75 -41.54 57.60
CA VAL C 101 -38.46 -42.97 57.54
C VAL C 101 -37.86 -43.49 58.86
N ARG C 102 -37.07 -42.66 59.54
CA ARG C 102 -36.52 -43.00 60.87
C ARG C 102 -37.62 -43.12 61.90
N GLU C 103 -38.66 -42.32 61.75
CA GLU C 103 -39.87 -42.43 62.60
C GLU C 103 -40.76 -43.68 62.40
N LEU C 104 -40.43 -44.55 61.45
CA LEU C 104 -41.28 -45.71 61.12
C LEU C 104 -40.43 -46.98 60.94
N MET D 2 12.98 67.92 -22.39
CA MET D 2 13.11 67.75 -20.90
C MET D 2 11.76 67.61 -20.26
N THR D 3 10.82 68.50 -20.59
CA THR D 3 9.49 68.51 -20.00
C THR D 3 8.65 67.32 -20.45
N LYS D 4 8.71 67.00 -21.74
CA LYS D 4 8.04 65.83 -22.27
C LYS D 4 8.59 64.54 -21.66
N LEU D 5 9.90 64.51 -21.42
CA LEU D 5 10.55 63.39 -20.74
C LEU D 5 10.02 63.21 -19.32
N ALA D 6 9.98 64.32 -18.58
CA ALA D 6 9.42 64.35 -17.23
C ALA D 6 7.96 63.91 -17.19
N ASP D 7 7.18 64.32 -18.21
CA ASP D 7 5.75 64.01 -18.30
C ASP D 7 5.46 62.51 -18.61
N VAL D 8 6.31 61.88 -19.43
CA VAL D 8 6.21 60.41 -19.68
C VAL D 8 6.59 59.61 -18.41
N TYR D 9 7.64 60.05 -17.71
CA TYR D 9 8.09 59.38 -16.48
C TYR D 9 7.13 59.50 -15.31
N GLN D 10 6.64 60.71 -15.07
CA GLN D 10 5.72 60.94 -13.97
C GLN D 10 4.43 60.13 -14.10
N ALA D 11 3.88 60.08 -15.32
CA ALA D 11 2.65 59.33 -15.54
C ALA D 11 2.90 57.85 -15.28
N GLU D 12 4.04 57.35 -15.75
CA GLU D 12 4.39 55.95 -15.56
C GLU D 12 4.56 55.64 -14.08
N LEU D 13 5.19 56.56 -13.36
CA LEU D 13 5.39 56.39 -11.93
C LEU D 13 4.05 56.33 -11.22
N ARG D 14 3.13 57.20 -11.65
CA ARG D 14 1.81 57.24 -11.06
C ARG D 14 1.10 55.92 -11.29
N GLU D 15 1.24 55.37 -12.49
CA GLU D 15 0.62 54.10 -12.83
C GLU D 15 1.19 52.99 -11.96
N LEU D 16 2.51 53.03 -11.76
CA LEU D 16 3.19 52.03 -10.95
C LEU D 16 2.75 52.06 -9.49
N ARG D 17 2.57 53.26 -8.97
CA ARG D 17 2.15 53.44 -7.56
C ARG D 17 0.70 53.01 -7.33
N LEU D 18 -0.15 53.29 -8.30
CA LEU D 18 -1.55 52.86 -8.28
C LEU D 18 -1.65 51.32 -8.27
N ARG D 19 -1.01 50.69 -9.24
CA ARG D 19 -0.98 49.21 -9.35
C ARG D 19 -0.38 48.57 -8.11
N LEU D 20 0.67 49.18 -7.58
CA LEU D 20 1.39 48.66 -6.42
C LEU D 20 0.50 48.63 -5.18
N ASP D 21 -0.25 49.70 -4.96
CA ASP D 21 -1.20 49.78 -3.84
C ASP D 21 -2.31 48.72 -3.94
N GLN D 22 -2.83 48.52 -5.15
CA GLN D 22 -3.86 47.49 -5.41
C GLN D 22 -3.33 46.08 -5.20
N LEU D 23 -2.13 45.82 -5.68
CA LEU D 23 -1.52 44.50 -5.57
C LEU D 23 -1.10 44.14 -4.15
N THR D 24 -0.66 45.13 -3.38
CA THR D 24 -0.35 44.92 -1.96
C THR D 24 -1.60 44.54 -1.18
N ALA D 25 -2.68 45.25 -1.45
CA ALA D 25 -3.99 44.97 -0.84
C ALA D 25 -4.45 43.56 -1.19
N ASN D 26 -4.44 43.26 -2.48
CA ASN D 26 -4.81 41.92 -2.98
C ASN D 26 -4.00 40.77 -2.36
N SER D 27 -2.70 40.99 -2.25
CA SER D 27 -1.80 39.99 -1.63
C SER D 27 -2.07 39.78 -0.15
N ALA D 28 -2.30 40.86 0.57
CA ALA D 28 -2.64 40.80 2.00
C ALA D 28 -3.91 40.01 2.23
N ARG D 29 -4.89 40.26 1.37
CA ARG D 29 -6.16 39.53 1.40
C ARG D 29 -5.97 38.03 1.11
N LEU D 30 -5.19 37.72 0.08
CA LEU D 30 -4.87 36.32 -0.28
C LEU D 30 -4.16 35.57 0.86
N GLU D 31 -3.23 36.24 1.53
CA GLU D 31 -2.52 35.66 2.67
C GLU D 31 -3.46 35.36 3.83
N VAL D 32 -4.41 36.27 4.06
CA VAL D 32 -5.45 36.09 5.08
C VAL D 32 -6.34 34.88 4.73
N GLU D 33 -6.80 34.82 3.47
CA GLU D 33 -7.62 33.70 2.99
C GLU D 33 -6.89 32.37 3.17
N ARG D 34 -5.63 32.32 2.75
CA ARG D 34 -4.81 31.10 2.89
C ARG D 34 -4.66 30.67 4.35
N ASP D 35 -4.32 31.62 5.22
CA ASP D 35 -4.18 31.37 6.66
C ASP D 35 -5.46 30.79 7.26
N ASN D 36 -6.61 31.34 6.83
CA ASN D 36 -7.92 30.87 7.27
C ASN D 36 -8.25 29.46 6.80
N LEU D 37 -8.08 29.21 5.50
CA LEU D 37 -8.29 27.87 4.93
C LEU D 37 -7.46 26.80 5.65
N ALA D 38 -6.22 27.14 5.96
CA ALA D 38 -5.30 26.23 6.67
C ALA D 38 -5.75 25.94 8.10
N GLN D 39 -6.19 26.97 8.82
CA GLN D 39 -6.70 26.78 10.19
C GLN D 39 -7.97 25.92 10.21
N ASP D 40 -8.88 26.22 9.29
CA ASP D 40 -10.14 25.46 9.16
C ASP D 40 -9.90 24.02 8.73
N LEU D 41 -8.92 23.80 7.86
CA LEU D 41 -8.50 22.46 7.45
C LEU D 41 -7.98 21.63 8.64
N ALA D 42 -7.15 22.26 9.48
CA ALA D 42 -6.69 21.63 10.72
C ALA D 42 -7.84 21.29 11.67
N THR D 43 -8.79 22.21 11.79
CA THR D 43 -9.99 22.05 12.61
C THR D 43 -10.83 20.85 12.17
N VAL D 44 -11.22 20.87 10.90
CA VAL D 44 -12.10 19.82 10.35
C VAL D 44 -11.43 18.44 10.33
N ARG D 45 -10.12 18.40 10.12
CA ARG D 45 -9.35 17.15 10.24
C ARG D 45 -9.41 16.57 11.67
N GLN D 46 -9.37 17.46 12.65
CA GLN D 46 -9.54 17.07 14.06
C GLN D 46 -10.95 16.56 14.34
N LYS D 47 -11.96 17.28 13.82
CA LYS D 47 -13.37 16.85 13.93
C LYS D 47 -13.60 15.48 13.29
N LEU D 48 -12.95 15.25 12.15
CA LEU D 48 -12.99 13.95 11.46
C LEU D 48 -12.44 12.82 12.32
N GLN D 49 -11.25 13.05 12.88
CA GLN D 49 -10.59 12.08 13.77
C GLN D 49 -11.47 11.74 14.98
N ASP D 50 -12.02 12.78 15.60
CA ASP D 50 -12.95 12.65 16.72
C ASP D 50 -14.19 11.82 16.36
N GLU D 51 -14.82 12.16 15.24
CA GLU D 51 -16.03 11.47 14.77
C GLU D 51 -15.78 10.01 14.42
N THR D 52 -14.60 9.73 13.89
CA THR D 52 -14.18 8.37 13.58
C THR D 52 -14.05 7.55 14.87
N ASN D 53 -13.42 8.14 15.89
CA ASN D 53 -13.30 7.50 17.20
C ASN D 53 -14.65 7.21 17.87
N LEU D 54 -15.57 8.17 17.79
CA LEU D 54 -16.93 7.99 18.32
C LEU D 54 -17.69 6.93 17.55
N ARG D 55 -17.55 6.93 16.22
CA ARG D 55 -18.18 5.89 15.37
C ARG D 55 -17.70 4.50 15.78
N LEU D 56 -16.39 4.33 15.89
CA LEU D 56 -15.79 3.03 16.28
C LEU D 56 -16.30 2.56 17.65
N GLU D 57 -16.32 3.47 18.63
CA GLU D 57 -16.84 3.13 19.98
C GLU D 57 -18.31 2.75 19.96
N ALA D 58 -19.12 3.45 19.16
CA ALA D 58 -20.55 3.13 18.99
C ALA D 58 -20.73 1.74 18.41
N GLU D 59 -20.06 1.50 17.28
CA GLU D 59 -20.09 0.18 16.62
C GLU D 59 -19.62 -0.98 17.54
N ASN D 60 -18.63 -0.70 18.40
CA ASN D 60 -18.15 -1.68 19.40
C ASN D 60 -19.18 -2.00 20.49
N ASN D 61 -19.84 -0.96 20.99
CA ASN D 61 -20.92 -1.10 21.97
C ASN D 61 -22.10 -1.87 21.40
N LEU D 62 -22.41 -1.65 20.12
CA LEU D 62 -23.47 -2.39 19.41
C LEU D 62 -23.13 -3.85 19.39
N ALA D 63 -21.93 -4.14 18.87
CA ALA D 63 -21.38 -5.49 18.84
C ALA D 63 -21.41 -6.18 20.20
N ALA D 64 -20.99 -5.44 21.23
CA ALA D 64 -20.95 -5.97 22.60
C ALA D 64 -22.33 -6.31 23.14
N TYR D 65 -23.30 -5.44 22.87
CA TYR D 65 -24.69 -5.66 23.30
C TYR D 65 -25.33 -6.87 22.61
N ARG D 66 -25.03 -7.03 21.30
CA ARG D 66 -25.51 -8.21 20.56
C ARG D 66 -24.90 -9.51 21.09
N GLN D 67 -23.62 -9.47 21.46
CA GLN D 67 -22.91 -10.61 22.05
C GLN D 67 -23.50 -10.98 23.41
N GLU D 68 -23.75 -9.96 24.24
CA GLU D 68 -24.41 -10.13 25.55
C GLU D 68 -25.75 -10.85 25.43
N ALA D 69 -26.57 -10.40 24.49
CA ALA D 69 -27.90 -10.98 24.25
C ALA D 69 -27.82 -12.43 23.77
N ASP D 70 -26.93 -12.69 22.82
CA ASP D 70 -26.72 -14.06 22.29
C ASP D 70 -26.26 -15.05 23.36
N GLU D 71 -25.26 -14.66 24.15
CA GLU D 71 -24.73 -15.51 25.22
C GLU D 71 -25.76 -15.76 26.33
N ALA D 72 -26.49 -14.70 26.68
CA ALA D 72 -27.57 -14.79 27.69
C ALA D 72 -28.70 -15.71 27.22
N THR D 73 -29.04 -15.63 25.94
CA THR D 73 -30.06 -16.49 25.35
C THR D 73 -29.62 -17.95 25.33
N LEU D 74 -28.38 -18.19 24.94
CA LEU D 74 -27.80 -19.54 24.90
C LEU D 74 -27.76 -20.18 26.30
N ALA D 75 -27.34 -19.39 27.28
CA ALA D 75 -27.34 -19.82 28.68
C ALA D 75 -28.76 -20.16 29.15
N ARG D 76 -29.72 -19.30 28.84
CA ARG D 76 -31.13 -19.52 29.18
C ARG D 76 -31.62 -20.86 28.66
N LEU D 77 -31.35 -21.12 27.38
CA LEU D 77 -31.79 -22.37 26.74
C LEU D 77 -31.21 -23.63 27.41
N ASP D 78 -29.91 -23.58 27.71
CA ASP D 78 -29.23 -24.65 28.47
C ASP D 78 -29.90 -24.90 29.83
N LEU D 79 -30.25 -23.80 30.50
CA LEU D 79 -30.88 -23.86 31.81
C LEU D 79 -32.29 -24.40 31.79
N GLU D 80 -33.08 -24.03 30.79
CA GLU D 80 -34.45 -24.54 30.66
C GLU D 80 -34.46 -26.07 30.59
N ARG D 81 -33.47 -26.64 29.93
CA ARG D 81 -33.31 -28.11 29.85
C ARG D 81 -32.90 -28.72 31.20
N LYS D 82 -31.96 -28.08 31.89
CA LYS D 82 -31.60 -28.50 33.25
C LYS D 82 -32.81 -28.42 34.20
N ILE D 83 -33.66 -27.42 34.02
CA ILE D 83 -34.89 -27.26 34.81
C ILE D 83 -35.84 -28.44 34.61
N GLU D 84 -36.06 -28.82 33.35
CA GLU D 84 -36.88 -29.99 33.04
C GLU D 84 -36.34 -31.27 33.68
N SER D 85 -35.02 -31.43 33.64
CA SER D 85 -34.33 -32.54 34.34
C SER D 85 -34.59 -32.55 35.86
N LEU D 86 -34.46 -31.39 36.49
CA LEU D 86 -34.69 -31.24 37.94
C LEU D 86 -36.14 -31.55 38.34
N GLU D 87 -37.09 -31.04 37.54
CA GLU D 87 -38.52 -31.28 37.80
C GLU D 87 -38.90 -32.76 37.67
N GLU D 88 -38.30 -33.44 36.69
CA GLU D 88 -38.45 -34.90 36.57
C GLU D 88 -37.93 -35.61 37.81
N GLU D 89 -36.72 -35.22 38.23
CA GLU D 89 -36.08 -35.77 39.43
C GLU D 89 -36.96 -35.59 40.68
N ILE D 90 -37.53 -34.41 40.82
CA ILE D 90 -38.46 -34.11 41.93
C ILE D 90 -39.65 -35.07 41.93
N ARG D 91 -40.29 -35.21 40.77
CA ARG D 91 -41.44 -36.11 40.59
C ARG D 91 -41.12 -37.55 40.99
N PHE D 92 -39.97 -38.03 40.50
CA PHE D 92 -39.49 -39.40 40.80
C PHE D 92 -39.23 -39.56 42.31
N LEU D 93 -38.59 -38.57 42.93
CA LEU D 93 -38.37 -38.57 44.39
C LEU D 93 -39.66 -38.71 45.21
N ARG D 94 -40.67 -37.93 44.85
CA ARG D 94 -41.95 -37.95 45.56
C ARG D 94 -42.65 -39.31 45.42
N LYS D 95 -42.62 -39.85 44.21
CA LYS D 95 -43.20 -41.16 43.87
C LYS D 95 -42.55 -42.29 44.68
N ILE D 96 -41.23 -42.30 44.67
CA ILE D 96 -40.40 -43.27 45.40
C ILE D 96 -40.62 -43.18 46.92
N HIS D 97 -40.72 -41.96 47.41
CA HIS D 97 -40.90 -41.75 48.85
C HIS D 97 -42.29 -42.14 49.32
N GLU D 98 -43.30 -41.69 48.56
CA GLU D 98 -44.70 -42.03 48.81
C GLU D 98 -44.90 -43.55 48.86
N GLU D 99 -44.18 -44.27 47.99
CA GLU D 99 -44.17 -45.73 47.98
C GLU D 99 -43.54 -46.33 49.23
N GLU D 100 -42.36 -45.82 49.60
CA GLU D 100 -41.61 -46.30 50.76
C GLU D 100 -42.39 -46.09 52.07
N VAL D 101 -43.09 -44.96 52.13
CA VAL D 101 -43.94 -44.59 53.28
C VAL D 101 -45.16 -45.51 53.41
N ARG D 102 -45.71 -45.95 52.28
CA ARG D 102 -46.81 -46.95 52.29
C ARG D 102 -46.34 -48.34 52.73
N GLU D 103 -45.18 -48.74 52.21
CA GLU D 103 -44.62 -50.09 52.44
C GLU D 103 -43.96 -50.25 53.82
N LEU D 104 -43.84 -49.16 54.59
CA LEU D 104 -43.50 -49.22 56.02
C LEU D 104 -44.72 -49.08 56.95
N GLN D 105 -45.92 -49.06 56.36
CA GLN D 105 -47.19 -49.04 57.11
C GLN D 105 -48.04 -50.27 56.75
N THR E 3 -39.92 -34.04 67.01
CA THR E 3 -39.12 -32.80 66.87
C THR E 3 -38.02 -32.75 65.85
N LYS E 4 -37.29 -33.84 65.58
CA LYS E 4 -36.24 -33.73 64.56
C LYS E 4 -36.89 -33.36 63.25
N LEU E 5 -38.01 -33.98 62.94
CA LEU E 5 -38.76 -33.65 61.74
C LEU E 5 -39.23 -32.20 61.77
N ALA E 6 -39.77 -31.78 62.89
CA ALA E 6 -40.25 -30.43 63.04
C ALA E 6 -39.10 -29.46 62.91
N ASP E 7 -37.97 -29.87 63.44
CA ASP E 7 -36.74 -29.10 63.35
C ASP E 7 -36.22 -28.94 61.94
N VAL E 8 -36.41 -29.96 61.12
CA VAL E 8 -36.05 -29.89 59.73
C VAL E 8 -36.92 -28.89 58.99
N TYR E 9 -38.22 -28.91 59.26
CA TYR E 9 -39.15 -27.98 58.66
C TYR E 9 -38.89 -26.56 59.08
N GLN E 10 -38.66 -26.38 60.36
CA GLN E 10 -38.37 -25.11 60.96
C GLN E 10 -37.08 -24.51 60.48
N ALA E 11 -36.09 -25.35 60.21
CA ALA E 11 -34.81 -24.87 59.73
C ALA E 11 -34.92 -24.25 58.33
N GLU E 12 -35.66 -24.91 57.44
CA GLU E 12 -35.92 -24.37 56.10
C GLU E 12 -36.73 -23.09 56.18
N LEU E 13 -37.70 -23.09 57.07
CA LEU E 13 -38.53 -21.92 57.24
C LEU E 13 -37.69 -20.75 57.68
N ARG E 14 -36.83 -20.95 58.66
CA ARG E 14 -35.95 -19.92 59.16
C ARG E 14 -35.00 -19.37 58.09
N GLU E 15 -34.41 -20.24 57.29
CA GLU E 15 -33.52 -19.84 56.19
C GLU E 15 -34.25 -18.98 55.16
N LEU E 16 -35.40 -19.46 54.71
CA LEU E 16 -36.18 -18.72 53.70
C LEU E 16 -36.66 -17.36 54.19
N ARG E 17 -37.09 -17.30 55.45
CA ARG E 17 -37.51 -16.03 56.06
C ARG E 17 -36.35 -15.05 56.20
N LEU E 18 -35.17 -15.57 56.52
CA LEU E 18 -33.96 -14.77 56.63
C LEU E 18 -33.62 -14.15 55.28
N ARG E 19 -33.49 -14.99 54.26
CA ARG E 19 -33.23 -14.53 52.88
C ARG E 19 -34.24 -13.48 52.43
N LEU E 20 -35.51 -13.75 52.72
CA LEU E 20 -36.61 -12.86 52.33
C LEU E 20 -36.52 -11.48 52.98
N ASP E 21 -36.19 -11.45 54.26
CA ASP E 21 -36.00 -10.21 55.03
C ASP E 21 -34.81 -9.39 54.48
N GLN E 22 -33.72 -10.08 54.16
CA GLN E 22 -32.53 -9.46 53.56
C GLN E 22 -32.81 -8.87 52.18
N LEU E 23 -33.54 -9.61 51.36
CA LEU E 23 -33.92 -9.15 50.01
C LEU E 23 -34.83 -7.93 50.03
N THR E 24 -35.78 -7.91 50.95
CA THR E 24 -36.68 -6.75 51.12
C THR E 24 -35.93 -5.47 51.53
N ALA E 25 -35.01 -5.63 52.48
CA ALA E 25 -34.15 -4.54 52.94
C ALA E 25 -33.29 -4.00 51.80
N ASN E 26 -32.62 -4.91 51.10
CA ASN E 26 -31.79 -4.56 49.95
C ASN E 26 -32.58 -3.84 48.86
N SER E 27 -33.78 -4.36 48.56
CA SER E 27 -34.67 -3.78 47.54
C SER E 27 -35.08 -2.34 47.89
N ALA E 28 -35.38 -2.11 49.17
CA ALA E 28 -35.69 -0.76 49.66
C ALA E 28 -34.51 0.20 49.49
N ARG E 29 -33.31 -0.27 49.83
CA ARG E 29 -32.04 0.48 49.63
C ARG E 29 -31.83 0.83 48.15
N LEU E 30 -31.99 -0.17 47.29
CA LEU E 30 -31.84 -0.01 45.84
C LEU E 30 -32.85 1.01 45.27
N GLU E 31 -34.09 0.96 45.75
CA GLU E 31 -35.14 1.92 45.34
C GLU E 31 -34.76 3.36 45.65
N VAL E 32 -34.17 3.56 46.83
CA VAL E 32 -33.65 4.88 47.24
C VAL E 32 -32.51 5.34 46.33
N GLU E 33 -31.53 4.46 46.11
CA GLU E 33 -30.40 4.76 45.23
C GLU E 33 -30.86 5.08 43.82
N ARG E 34 -31.78 4.27 43.29
CA ARG E 34 -32.32 4.48 41.94
C ARG E 34 -33.03 5.83 41.81
N ASP E 35 -33.88 6.15 42.78
CA ASP E 35 -34.60 7.45 42.81
C ASP E 35 -33.64 8.64 42.77
N ASN E 36 -32.56 8.53 43.54
CA ASN E 36 -31.51 9.56 43.59
C ASN E 36 -30.74 9.70 42.28
N LEU E 37 -30.29 8.57 41.74
CA LEU E 37 -29.58 8.56 40.46
C LEU E 37 -30.43 9.15 39.33
N ALA E 38 -31.73 8.87 39.34
CA ALA E 38 -32.67 9.41 38.35
C ALA E 38 -32.83 10.91 38.46
N GLN E 39 -32.98 11.40 39.69
CA GLN E 39 -33.07 12.83 39.99
C GLN E 39 -31.83 13.60 39.50
N ASP E 40 -30.66 13.07 39.86
CA ASP E 40 -29.37 13.67 39.46
C ASP E 40 -29.13 13.60 37.95
N LEU E 41 -29.56 12.50 37.34
CA LEU E 41 -29.50 12.34 35.87
C LEU E 41 -30.34 13.40 35.16
N ALA E 42 -31.54 13.66 35.66
CA ALA E 42 -32.42 14.72 35.13
C ALA E 42 -31.76 16.10 35.22
N THR E 43 -31.15 16.37 36.38
CA THR E 43 -30.45 17.63 36.65
C THR E 43 -29.28 17.85 35.67
N VAL E 44 -28.38 16.88 35.61
CA VAL E 44 -27.17 16.99 34.79
C VAL E 44 -27.49 16.98 33.27
N ARG E 45 -28.57 16.29 32.88
CA ARG E 45 -29.07 16.37 31.49
C ARG E 45 -29.51 17.77 31.10
N GLN E 46 -30.16 18.46 32.04
CA GLN E 46 -30.57 19.85 31.86
C GLN E 46 -29.35 20.78 31.73
N LYS E 47 -28.38 20.59 32.62
CA LYS E 47 -27.10 21.33 32.56
C LYS E 47 -26.37 21.12 31.23
N LEU E 48 -26.39 19.88 30.76
CA LEU E 48 -25.78 19.51 29.46
C LEU E 48 -26.45 20.25 28.32
N GLN E 49 -27.78 20.24 28.29
CA GLN E 49 -28.57 20.93 27.25
C GLN E 49 -28.25 22.42 27.23
N ASP E 50 -28.26 23.03 28.41
CA ASP E 50 -27.92 24.44 28.58
C ASP E 50 -26.52 24.75 28.03
N GLU E 51 -25.54 23.97 28.46
CA GLU E 51 -24.13 24.17 28.05
C GLU E 51 -23.92 23.95 26.56
N THR E 52 -24.68 23.01 26.00
CA THR E 52 -24.64 22.74 24.56
C THR E 52 -25.15 23.93 23.78
N ASN E 53 -26.26 24.51 24.24
CA ASN E 53 -26.84 25.71 23.61
C ASN E 53 -25.88 26.90 23.61
N LEU E 54 -25.21 27.10 24.75
CA LEU E 54 -24.19 28.15 24.84
C LEU E 54 -23.01 27.87 23.93
N ARG E 55 -22.57 26.62 23.88
CA ARG E 55 -21.46 26.25 23.02
C ARG E 55 -21.78 26.49 21.55
N LEU E 56 -22.95 26.03 21.12
CA LEU E 56 -23.37 26.17 19.71
C LEU E 56 -23.43 27.63 19.27
N GLU E 57 -24.06 28.47 20.07
CA GLU E 57 -24.14 29.90 19.76
C GLU E 57 -22.76 30.57 19.69
N ALA E 58 -21.88 30.19 20.63
CA ALA E 58 -20.52 30.75 20.68
C ALA E 58 -19.79 30.38 19.40
N GLU E 59 -19.85 29.10 19.05
CA GLU E 59 -19.28 28.62 17.79
C GLU E 59 -19.90 29.31 16.56
N ASN E 60 -21.17 29.70 16.65
CA ASN E 60 -21.86 30.48 15.59
C ASN E 60 -21.34 31.91 15.40
N ASN E 61 -21.23 32.66 16.51
CA ASN E 61 -20.69 34.03 16.50
C ASN E 61 -19.14 34.12 16.37
N LEU E 62 -18.45 32.98 16.48
CA LEU E 62 -16.99 32.88 16.18
C LEU E 62 -16.62 33.30 14.75
N ALA E 63 -17.25 32.69 13.74
CA ALA E 63 -17.02 33.02 12.32
C ALA E 63 -17.14 34.51 12.00
N ALA E 64 -18.21 35.13 12.53
CA ALA E 64 -18.45 36.57 12.35
C ALA E 64 -17.36 37.44 12.98
N TYR E 65 -16.94 37.08 14.20
CA TYR E 65 -15.87 37.80 14.90
C TYR E 65 -14.52 37.65 14.21
N ARG E 66 -14.25 36.48 13.66
CA ARG E 66 -13.02 36.27 12.89
C ARG E 66 -12.99 37.15 11.63
N GLN E 67 -14.13 37.29 10.98
CA GLN E 67 -14.23 38.17 9.82
C GLN E 67 -14.03 39.64 10.18
N GLU E 68 -14.67 40.08 11.26
CA GLU E 68 -14.47 41.43 11.80
C GLU E 68 -12.99 41.74 12.03
N ALA E 69 -12.28 40.80 12.65
CA ALA E 69 -10.84 40.93 12.92
C ALA E 69 -10.01 41.00 11.65
N ASP E 70 -10.33 40.12 10.68
CA ASP E 70 -9.64 40.08 9.38
C ASP E 70 -9.79 41.41 8.63
N GLU E 71 -11.03 41.89 8.52
CA GLU E 71 -11.32 43.15 7.81
C GLU E 71 -10.65 44.35 8.48
N ALA E 72 -10.68 44.40 9.80
CA ALA E 72 -10.02 45.46 10.58
C ALA E 72 -8.50 45.46 10.39
N THR E 73 -7.91 44.26 10.37
CA THR E 73 -6.48 44.10 10.11
C THR E 73 -6.11 44.49 8.67
N LEU E 74 -6.95 44.10 7.72
CA LEU E 74 -6.75 44.46 6.30
C LEU E 74 -6.81 45.97 6.07
N ALA E 75 -7.76 46.63 6.73
CA ALA E 75 -7.87 48.09 6.68
C ALA E 75 -6.64 48.78 7.25
N ARG E 76 -6.15 48.28 8.39
CA ARG E 76 -4.92 48.80 9.00
C ARG E 76 -3.74 48.71 8.04
N LEU E 77 -3.55 47.53 7.46
CA LEU E 77 -2.44 47.28 6.52
C LEU E 77 -2.49 48.19 5.30
N ASP E 78 -3.67 48.35 4.74
CA ASP E 78 -3.90 49.24 3.60
C ASP E 78 -3.41 50.65 3.93
N LEU E 79 -3.70 51.12 5.14
CA LEU E 79 -3.27 52.46 5.57
C LEU E 79 -1.78 52.59 5.83
N GLU E 80 -1.20 51.59 6.48
CA GLU E 80 0.26 51.57 6.71
C GLU E 80 1.02 51.61 5.39
N ARG E 81 0.46 50.96 4.39
CA ARG E 81 0.99 50.99 3.03
C ARG E 81 0.88 52.38 2.39
N LYS E 82 -0.27 53.02 2.51
CA LYS E 82 -0.44 54.39 2.00
C LYS E 82 0.54 55.35 2.65
N ILE E 83 0.85 55.12 3.92
CA ILE E 83 1.87 55.91 4.62
C ILE E 83 3.26 55.73 3.99
N GLU E 84 3.65 54.49 3.76
CA GLU E 84 4.92 54.18 3.09
C GLU E 84 4.99 54.84 1.71
N SER E 85 3.89 54.75 0.97
CA SER E 85 3.77 55.39 -0.34
C SER E 85 3.94 56.90 -0.31
N LEU E 86 3.32 57.56 0.67
CA LEU E 86 3.43 59.02 0.82
C LEU E 86 4.84 59.46 1.23
N GLU E 87 5.48 58.70 2.11
CA GLU E 87 6.87 58.97 2.51
C GLU E 87 7.85 58.78 1.35
N GLU E 88 7.61 57.73 0.54
CA GLU E 88 8.37 57.50 -0.71
C GLU E 88 8.23 58.69 -1.67
N GLU E 89 6.98 59.14 -1.84
CA GLU E 89 6.64 60.29 -2.70
C GLU E 89 7.36 61.56 -2.24
N ILE E 90 7.36 61.82 -0.94
CA ILE E 90 8.08 62.96 -0.36
C ILE E 90 9.56 62.93 -0.70
N ARG E 91 10.20 61.80 -0.41
CA ARG E 91 11.64 61.61 -0.69
C ARG E 91 11.98 61.89 -2.14
N PHE E 92 11.16 61.33 -3.02
CA PHE E 92 11.31 61.52 -4.46
C PHE E 92 11.12 62.99 -4.89
N LEU E 93 10.10 63.64 -4.34
CA LEU E 93 9.87 65.07 -4.60
C LEU E 93 11.08 65.93 -4.24
N ARG E 94 11.68 65.67 -3.10
CA ARG E 94 12.86 66.41 -2.65
C ARG E 94 14.09 66.23 -3.57
N LYS E 95 14.29 65.02 -4.07
CA LYS E 95 15.36 64.76 -5.06
C LYS E 95 15.11 65.49 -6.38
N ILE E 96 13.89 65.34 -6.90
CA ILE E 96 13.44 66.02 -8.13
C ILE E 96 13.53 67.55 -8.00
N HIS E 97 13.17 68.06 -6.81
CA HIS E 97 13.24 69.49 -6.47
C HIS E 97 14.70 69.97 -6.47
N GLU E 98 15.56 69.25 -5.75
CA GLU E 98 17.02 69.53 -5.70
C GLU E 98 17.67 69.54 -7.11
N GLU E 99 17.20 68.66 -7.98
CA GLU E 99 17.64 68.63 -9.39
C GLU E 99 17.17 69.84 -10.21
N GLU E 100 15.91 70.23 -10.02
CA GLU E 100 15.32 71.40 -10.68
C GLU E 100 15.98 72.70 -10.23
N VAL E 101 16.34 72.74 -8.94
CA VAL E 101 16.98 73.89 -8.30
C VAL E 101 18.43 74.09 -8.78
N ARG E 102 19.11 73.02 -9.15
CA ARG E 102 20.46 73.13 -9.77
C ARG E 102 20.43 73.41 -11.30
N GLU E 103 19.34 73.04 -11.96
CA GLU E 103 19.05 73.46 -13.33
C GLU E 103 18.75 74.97 -13.47
N LEU E 104 18.02 75.51 -12.49
CA LEU E 104 17.56 76.93 -12.53
C LEU E 104 18.36 77.80 -11.57
N MET F 2 -47.43 -34.59 63.74
CA MET F 2 -47.80 -35.78 62.95
C MET F 2 -47.98 -35.37 61.47
N THR F 3 -49.07 -35.83 60.86
CA THR F 3 -49.38 -35.54 59.46
C THR F 3 -49.86 -34.10 59.27
N LYS F 4 -50.66 -33.61 60.21
CA LYS F 4 -51.20 -32.25 60.16
C LYS F 4 -50.11 -31.20 60.28
N LEU F 5 -49.07 -31.48 61.06
CA LEU F 5 -47.95 -30.58 61.24
C LEU F 5 -47.19 -30.41 59.93
N ALA F 6 -47.06 -31.51 59.21
CA ALA F 6 -46.43 -31.54 57.91
C ALA F 6 -47.22 -30.73 56.90
N ASP F 7 -48.53 -30.75 57.02
CA ASP F 7 -49.45 -29.99 56.15
C ASP F 7 -49.24 -28.50 56.24
N VAL F 8 -49.17 -28.05 57.48
CA VAL F 8 -48.97 -26.65 57.81
C VAL F 8 -47.64 -26.14 57.32
N TYR F 9 -46.59 -26.92 57.54
CA TYR F 9 -45.25 -26.52 57.16
C TYR F 9 -45.03 -26.45 55.68
N GLN F 10 -45.58 -27.41 54.96
CA GLN F 10 -45.47 -27.45 53.51
C GLN F 10 -46.15 -26.28 52.86
N ALA F 11 -47.26 -25.86 53.45
CA ALA F 11 -48.02 -24.70 52.98
C ALA F 11 -47.19 -23.40 53.11
N GLU F 12 -46.62 -23.19 54.29
CA GLU F 12 -45.74 -22.03 54.53
C GLU F 12 -44.48 -22.06 53.65
N LEU F 13 -43.91 -23.25 53.45
CA LEU F 13 -42.75 -23.38 52.54
C LEU F 13 -43.10 -22.93 51.14
N ARG F 14 -44.23 -23.44 50.64
CA ARG F 14 -44.71 -23.09 49.29
C ARG F 14 -44.89 -21.58 49.10
N GLU F 15 -45.53 -20.94 50.09
CA GLU F 15 -45.74 -19.48 50.09
C GLU F 15 -44.40 -18.72 50.06
N LEU F 16 -43.48 -19.10 50.96
CA LEU F 16 -42.19 -18.41 51.06
C LEU F 16 -41.35 -18.55 49.80
N ARG F 17 -41.35 -19.74 49.19
CA ARG F 17 -40.62 -19.96 47.93
C ARG F 17 -41.19 -19.14 46.77
N LEU F 18 -42.51 -18.99 46.76
CA LEU F 18 -43.22 -18.17 45.76
C LEU F 18 -42.82 -16.69 45.88
N ARG F 19 -42.97 -16.15 47.08
CA ARG F 19 -42.55 -14.78 47.39
C ARG F 19 -41.09 -14.53 47.08
N LEU F 20 -40.24 -15.48 47.48
CA LEU F 20 -38.79 -15.35 47.32
C LEU F 20 -38.39 -15.24 45.85
N ASP F 21 -39.03 -16.04 45.01
CA ASP F 21 -38.79 -16.00 43.56
C ASP F 21 -39.20 -14.65 42.94
N GLN F 22 -40.34 -14.13 43.38
CA GLN F 22 -40.82 -12.81 42.94
C GLN F 22 -39.91 -11.65 43.39
N LEU F 23 -39.46 -11.71 44.64
CA LEU F 23 -38.54 -10.69 45.19
C LEU F 23 -37.17 -10.70 44.53
N THR F 24 -36.64 -11.89 44.28
CA THR F 24 -35.35 -12.04 43.60
C THR F 24 -35.41 -11.47 42.17
N ALA F 25 -36.51 -11.73 41.46
CA ALA F 25 -36.76 -11.17 40.13
C ALA F 25 -36.81 -9.65 40.16
N ASN F 26 -37.64 -9.13 41.06
CA ASN F 26 -37.77 -7.69 41.28
C ASN F 26 -36.45 -7.00 41.61
N SER F 27 -35.67 -7.61 42.49
CA SER F 27 -34.35 -7.10 42.86
C SER F 27 -33.36 -7.07 41.71
N ALA F 28 -33.33 -8.16 40.94
CA ALA F 28 -32.46 -8.26 39.75
C ALA F 28 -32.76 -7.15 38.76
N ARG F 29 -34.05 -6.89 38.55
CA ARG F 29 -34.49 -5.80 37.68
C ARG F 29 -34.06 -4.44 38.21
N LEU F 30 -34.26 -4.21 39.51
CA LEU F 30 -33.83 -2.96 40.17
C LEU F 30 -32.32 -2.74 40.06
N GLU F 31 -31.54 -3.81 40.24
CA GLU F 31 -30.07 -3.76 40.09
C GLU F 31 -29.65 -3.36 38.68
N VAL F 32 -30.36 -3.89 37.69
CA VAL F 32 -30.12 -3.53 36.29
C VAL F 32 -30.46 -2.06 36.03
N GLU F 33 -31.64 -1.62 36.49
CA GLU F 33 -32.06 -0.21 36.35
C GLU F 33 -31.07 0.75 37.00
N ARG F 34 -30.64 0.43 38.22
CA ARG F 34 -29.66 1.26 38.94
C ARG F 34 -28.32 1.32 38.22
N ASP F 35 -27.83 0.16 37.78
CA ASP F 35 -26.57 0.08 37.01
C ASP F 35 -26.61 0.94 35.75
N ASN F 36 -27.75 0.92 35.06
CA ASN F 36 -27.98 1.73 33.85
C ASN F 36 -28.01 3.22 34.14
N LEU F 37 -28.80 3.63 35.13
CA LEU F 37 -28.88 5.04 35.53
C LEU F 37 -27.51 5.60 35.93
N ALA F 38 -26.72 4.80 36.63
CA ALA F 38 -25.35 5.18 37.02
C ALA F 38 -24.41 5.32 35.81
N GLN F 39 -24.51 4.38 34.88
CA GLN F 39 -23.75 4.41 33.62
C GLN F 39 -24.06 5.66 32.79
N ASP F 40 -25.35 5.93 32.62
CA ASP F 40 -25.82 7.10 31.88
C ASP F 40 -25.45 8.41 32.57
N LEU F 41 -25.51 8.42 33.89
CA LEU F 41 -25.08 9.58 34.68
C LEU F 41 -23.59 9.89 34.48
N ALA F 42 -22.76 8.85 34.46
CA ALA F 42 -21.32 8.99 34.16
C ALA F 42 -21.10 9.53 32.74
N THR F 43 -21.87 9.03 31.78
CA THR F 43 -21.81 9.45 30.38
C THR F 43 -22.13 10.93 30.21
N VAL F 44 -23.29 11.33 30.70
CA VAL F 44 -23.79 12.70 30.53
C VAL F 44 -22.92 13.72 31.31
N ARG F 45 -22.37 13.30 32.45
CA ARG F 45 -21.38 14.12 33.18
C ARG F 45 -20.12 14.38 32.36
N GLN F 46 -19.67 13.35 31.63
CA GLN F 46 -18.53 13.47 30.73
C GLN F 46 -18.84 14.40 29.56
N LYS F 47 -20.01 14.24 28.96
CA LYS F 47 -20.49 15.13 27.88
C LYS F 47 -20.56 16.59 28.32
N LEU F 48 -21.04 16.79 29.56
CA LEU F 48 -21.10 18.12 30.17
C LEU F 48 -19.73 18.75 30.29
N GLN F 49 -18.79 17.98 30.84
CA GLN F 49 -17.40 18.45 31.01
C GLN F 49 -16.76 18.81 29.67
N ASP F 50 -16.94 17.93 28.68
CA ASP F 50 -16.48 18.15 27.30
C ASP F 50 -17.04 19.45 26.71
N GLU F 51 -18.36 19.59 26.80
CA GLU F 51 -19.08 20.76 26.26
C GLU F 51 -18.72 22.09 26.96
N THR F 52 -18.41 22.01 28.26
CA THR F 52 -17.89 23.17 29.01
C THR F 52 -16.53 23.59 28.48
N ASN F 53 -15.64 22.62 28.29
CA ASN F 53 -14.30 22.88 27.75
C ASN F 53 -14.31 23.52 26.36
N LEU F 54 -15.19 23.02 25.48
CA LEU F 54 -15.36 23.60 24.15
C LEU F 54 -15.95 25.01 24.19
N ARG F 55 -16.94 25.21 25.06
CA ARG F 55 -17.52 26.53 25.26
C ARG F 55 -16.45 27.54 25.68
N LEU F 56 -15.65 27.17 26.68
CA LEU F 56 -14.59 28.07 27.19
C LEU F 56 -13.56 28.42 26.15
N GLU F 57 -13.11 27.43 25.39
CA GLU F 57 -12.17 27.67 24.30
C GLU F 57 -12.74 28.59 23.22
N ALA F 58 -14.02 28.39 22.88
CA ALA F 58 -14.72 29.24 21.90
C ALA F 58 -14.77 30.68 22.39
N GLU F 59 -15.26 30.85 23.62
CA GLU F 59 -15.32 32.18 24.27
C GLU F 59 -13.95 32.88 24.36
N ASN F 60 -12.88 32.11 24.57
CA ASN F 60 -11.50 32.64 24.56
C ASN F 60 -11.03 33.13 23.17
N ASN F 61 -11.32 32.34 22.15
CA ASN F 61 -11.07 32.72 20.75
C ASN F 61 -11.88 33.93 20.29
N LEU F 62 -13.11 34.06 20.82
CA LEU F 62 -13.98 35.22 20.57
C LEU F 62 -13.33 36.45 21.16
N ALA F 63 -13.02 36.36 22.46
CA ALA F 63 -12.30 37.41 23.18
C ALA F 63 -11.03 37.87 22.47
N ALA F 64 -10.25 36.91 21.99
CA ALA F 64 -9.01 37.19 21.25
C ALA F 64 -9.25 37.93 19.93
N TYR F 65 -10.28 37.49 19.18
CA TYR F 65 -10.64 38.14 17.91
C TYR F 65 -11.21 39.56 18.11
N ARG F 66 -11.94 39.76 19.21
CA ARG F 66 -12.45 41.09 19.57
C ARG F 66 -11.31 42.06 19.92
N GLN F 67 -10.29 41.55 20.62
CA GLN F 67 -9.09 42.34 20.96
C GLN F 67 -8.31 42.71 19.71
N GLU F 68 -8.14 41.76 18.80
CA GLU F 68 -7.50 42.00 17.49
C GLU F 68 -8.19 43.12 16.71
N ALA F 69 -9.52 43.06 16.66
CA ALA F 69 -10.33 44.08 15.96
C ALA F 69 -10.20 45.48 16.58
N ASP F 70 -10.27 45.54 17.91
CA ASP F 70 -10.14 46.81 18.65
C ASP F 70 -8.78 47.47 18.42
N GLU F 71 -7.74 46.66 18.58
CA GLU F 71 -6.37 47.10 18.36
C GLU F 71 -6.13 47.61 16.94
N ALA F 72 -6.60 46.82 15.97
CA ALA F 72 -6.47 47.15 14.55
C ALA F 72 -7.19 48.45 14.21
N THR F 73 -8.36 48.65 14.81
CA THR F 73 -9.13 49.88 14.62
C THR F 73 -8.41 51.09 15.23
N LEU F 74 -7.86 50.91 16.42
CA LEU F 74 -7.11 51.99 17.08
C LEU F 74 -5.86 52.39 16.30
N ALA F 75 -5.14 51.39 15.80
CA ALA F 75 -3.99 51.62 14.93
C ALA F 75 -4.39 52.35 13.64
N ARG F 76 -5.49 51.91 13.02
CA ARG F 76 -6.03 52.57 11.82
C ARG F 76 -6.26 54.06 12.05
N LEU F 77 -6.94 54.40 13.14
CA LEU F 77 -7.23 55.80 13.48
C LEU F 77 -5.97 56.66 13.62
N ASP F 78 -4.99 56.11 14.33
CA ASP F 78 -3.67 56.76 14.50
C ASP F 78 -2.99 57.01 13.14
N LEU F 79 -3.10 56.02 12.25
CA LEU F 79 -2.51 56.08 10.92
C LEU F 79 -3.20 57.12 10.03
N GLU F 80 -4.53 57.19 10.08
CA GLU F 80 -5.28 58.19 9.29
C GLU F 80 -4.86 59.63 9.60
N ARG F 81 -4.53 59.89 10.87
CA ARG F 81 -3.98 61.19 11.28
C ARG F 81 -2.59 61.44 10.72
N LYS F 82 -1.72 60.42 10.77
CA LYS F 82 -0.39 60.50 10.13
C LYS F 82 -0.49 60.70 8.61
N ILE F 83 -1.52 60.11 8.00
CA ILE F 83 -1.81 60.30 6.57
C ILE F 83 -2.11 61.78 6.27
N GLU F 84 -3.01 62.37 7.06
CA GLU F 84 -3.35 63.80 6.94
C GLU F 84 -2.12 64.69 7.09
N SER F 85 -1.27 64.35 8.05
CA SER F 85 -0.01 65.05 8.27
C SER F 85 0.95 64.96 7.08
N LEU F 86 1.07 63.77 6.49
CA LEU F 86 1.94 63.57 5.31
C LEU F 86 1.42 64.27 4.05
N GLU F 87 0.10 64.25 3.85
CA GLU F 87 -0.54 64.95 2.72
C GLU F 87 -0.42 66.50 2.88
N GLU F 88 -0.51 66.99 4.12
CA GLU F 88 -0.22 68.40 4.45
C GLU F 88 1.24 68.77 4.12
N GLU F 89 2.15 67.90 4.52
CA GLU F 89 3.60 68.07 4.26
C GLU F 89 3.90 68.14 2.77
N ILE F 90 3.28 67.25 1.99
CA ILE F 90 3.42 67.24 0.54
C ILE F 90 2.99 68.57 -0.08
N ARG F 91 1.79 69.02 0.28
CA ARG F 91 1.23 70.29 -0.20
C ARG F 91 2.14 71.47 0.08
N PHE F 92 2.65 71.50 1.30
CA PHE F 92 3.59 72.52 1.74
C PHE F 92 4.91 72.48 0.96
N LEU F 93 5.46 71.28 0.77
CA LEU F 93 6.68 71.10 -0.05
C LEU F 93 6.54 71.62 -1.48
N ARG F 94 5.40 71.37 -2.09
CA ARG F 94 5.13 71.85 -3.46
C ARG F 94 5.04 73.38 -3.53
N LYS F 95 4.35 73.98 -2.56
CA LYS F 95 4.20 75.46 -2.53
C LYS F 95 5.53 76.15 -2.24
N ILE F 96 6.28 75.61 -1.29
CA ILE F 96 7.59 76.16 -0.94
C ILE F 96 8.59 76.03 -2.07
N HIS F 97 8.53 74.94 -2.80
CA HIS F 97 9.45 74.71 -3.89
C HIS F 97 9.15 75.60 -5.07
N GLU F 98 7.87 75.66 -5.42
CA GLU F 98 7.40 76.56 -6.47
C GLU F 98 7.79 78.01 -6.19
N GLU F 99 7.73 78.40 -4.92
CA GLU F 99 8.18 79.73 -4.49
C GLU F 99 9.67 79.94 -4.66
N GLU F 100 10.46 78.94 -4.26
CA GLU F 100 11.92 79.00 -4.34
C GLU F 100 12.44 79.18 -5.78
N VAL F 101 11.69 78.67 -6.76
CA VAL F 101 12.02 78.88 -8.17
C VAL F 101 11.45 80.21 -8.69
N THR G 3 78.50 18.29 -24.82
CA THR G 3 78.21 19.27 -23.72
C THR G 3 77.00 18.85 -22.90
N LYS G 4 76.80 19.57 -21.80
CA LYS G 4 75.64 19.36 -20.96
C LYS G 4 74.34 19.66 -21.73
N LEU G 5 74.35 20.68 -22.56
CA LEU G 5 73.20 21.03 -23.42
C LEU G 5 72.81 19.88 -24.35
N ALA G 6 73.82 19.35 -25.04
CA ALA G 6 73.64 18.18 -25.92
C ALA G 6 73.11 16.98 -25.13
N ASP G 7 73.59 16.81 -23.90
CA ASP G 7 73.09 15.77 -23.00
C ASP G 7 71.62 15.95 -22.64
N VAL G 8 71.20 17.18 -22.36
CA VAL G 8 69.78 17.48 -22.06
C VAL G 8 68.90 17.06 -23.24
N TYR G 9 69.30 17.47 -24.44
CA TYR G 9 68.57 17.14 -25.68
C TYR G 9 68.55 15.63 -25.95
N GLN G 10 69.72 14.99 -25.86
CA GLN G 10 69.85 13.54 -26.08
C GLN G 10 69.06 12.73 -25.04
N ALA G 11 69.00 13.21 -23.80
CA ALA G 11 68.19 12.58 -22.75
C ALA G 11 66.71 12.56 -23.09
N GLU G 12 66.17 13.72 -23.48
CA GLU G 12 64.76 13.81 -23.91
C GLU G 12 64.48 12.97 -25.16
N LEU G 13 65.41 12.97 -26.09
CA LEU G 13 65.29 12.11 -27.28
C LEU G 13 65.24 10.64 -26.88
N ARG G 14 66.14 10.23 -25.99
CA ARG G 14 66.22 8.85 -25.53
C ARG G 14 64.95 8.38 -24.87
N GLU G 15 64.38 9.24 -24.03
CA GLU G 15 63.12 8.93 -23.37
C GLU G 15 61.97 8.74 -24.36
N LEU G 16 61.83 9.66 -25.30
CA LEU G 16 60.75 9.56 -26.28
C LEU G 16 60.87 8.30 -27.14
N ARG G 17 62.10 8.00 -27.57
CA ARG G 17 62.33 6.82 -28.41
C ARG G 17 62.00 5.52 -27.68
N LEU G 18 62.40 5.44 -26.41
CA LEU G 18 62.13 4.24 -25.61
C LEU G 18 60.63 4.03 -25.45
N ARG G 19 59.93 5.14 -25.19
CA ARG G 19 58.49 5.08 -25.03
C ARG G 19 57.84 4.61 -26.33
N LEU G 20 58.35 5.12 -27.44
CA LEU G 20 57.82 4.76 -28.75
C LEU G 20 58.01 3.26 -28.98
N ASP G 21 59.18 2.75 -28.60
CA ASP G 21 59.47 1.33 -28.76
C ASP G 21 58.52 0.49 -27.91
N GLN G 22 58.29 0.94 -26.68
CA GLN G 22 57.40 0.23 -25.76
C GLN G 22 55.96 0.20 -26.27
N LEU G 23 55.52 1.31 -26.84
CA LEU G 23 54.17 1.46 -27.37
C LEU G 23 53.92 0.63 -28.62
N THR G 24 54.90 0.60 -29.51
CA THR G 24 54.81 -0.21 -30.73
C THR G 24 54.70 -1.72 -30.42
N ALA G 25 55.53 -2.17 -29.49
CA ALA G 25 55.52 -3.56 -29.02
C ALA G 25 54.16 -3.92 -28.41
N ASN G 26 53.72 -3.08 -27.50
CA ASN G 26 52.40 -3.26 -26.86
C ASN G 26 51.25 -3.29 -27.86
N SER G 27 51.29 -2.36 -28.83
CA SER G 27 50.27 -2.27 -29.90
C SER G 27 50.21 -3.54 -30.75
N ALA G 28 51.38 -4.09 -31.08
CA ALA G 28 51.47 -5.36 -31.83
C ALA G 28 50.85 -6.53 -31.05
N ARG G 29 51.14 -6.59 -29.75
CA ARG G 29 50.53 -7.58 -28.83
C ARG G 29 49.00 -7.43 -28.79
N LEU G 30 48.54 -6.20 -28.60
CA LEU G 30 47.11 -5.89 -28.55
C LEU G 30 46.37 -6.26 -29.85
N GLU G 31 47.02 -6.00 -30.98
CA GLU G 31 46.47 -6.38 -32.31
C GLU G 31 46.27 -7.88 -32.45
N VAL G 32 47.24 -8.63 -31.94
CA VAL G 32 47.17 -10.10 -31.93
C VAL G 32 46.02 -10.57 -31.04
N GLU G 33 45.95 -10.05 -29.83
CA GLU G 33 44.90 -10.42 -28.90
C GLU G 33 43.51 -10.06 -29.41
N ARG G 34 43.37 -8.89 -30.03
CA ARG G 34 42.10 -8.46 -30.63
C ARG G 34 41.67 -9.41 -31.77
N ASP G 35 42.61 -9.73 -32.65
CA ASP G 35 42.35 -10.68 -33.76
C ASP G 35 41.84 -12.04 -33.26
N ASN G 36 42.45 -12.51 -32.18
CA ASN G 36 42.07 -13.79 -31.54
C ASN G 36 40.69 -13.75 -30.88
N LEU G 37 40.44 -12.70 -30.10
CA LEU G 37 39.14 -12.51 -29.47
C LEU G 37 38.02 -12.41 -30.49
N ALA G 38 38.29 -11.76 -31.63
CA ALA G 38 37.32 -11.63 -32.73
C ALA G 38 36.98 -12.97 -33.37
N GLN G 39 38.00 -13.79 -33.63
CA GLN G 39 37.77 -15.14 -34.21
C GLN G 39 36.95 -16.03 -33.29
N ASP G 40 37.30 -16.01 -32.00
CA ASP G 40 36.59 -16.81 -30.99
C ASP G 40 35.16 -16.31 -30.76
N LEU G 41 34.98 -14.99 -30.82
CA LEU G 41 33.65 -14.39 -30.72
C LEU G 41 32.74 -14.82 -31.87
N ALA G 42 33.29 -14.85 -33.09
CA ALA G 42 32.56 -15.36 -34.27
C ALA G 42 32.13 -16.83 -34.11
N THR G 43 33.05 -17.65 -33.60
CA THR G 43 32.82 -19.07 -33.34
C THR G 43 31.68 -19.29 -32.34
N VAL G 44 31.82 -18.68 -31.16
CA VAL G 44 30.86 -18.86 -30.06
C VAL G 44 29.47 -18.26 -30.41
N ARG G 45 29.45 -17.19 -31.20
CA ARG G 45 28.18 -16.63 -31.73
C ARG G 45 27.45 -17.62 -32.61
N GLN G 46 28.20 -18.35 -33.43
CA GLN G 46 27.64 -19.42 -34.28
C GLN G 46 27.07 -20.56 -33.45
N LYS G 47 27.84 -21.00 -32.45
CA LYS G 47 27.39 -22.03 -31.49
C LYS G 47 26.12 -21.61 -30.76
N LEU G 48 26.06 -20.34 -30.37
CA LEU G 48 24.87 -19.77 -29.71
C LEU G 48 23.64 -19.83 -30.60
N GLN G 49 23.80 -19.41 -31.87
CA GLN G 49 22.70 -19.42 -32.84
C GLN G 49 22.16 -20.83 -33.05
N ASP G 50 23.09 -21.78 -33.24
CA ASP G 50 22.75 -23.19 -33.38
C ASP G 50 21.95 -23.73 -32.18
N GLU G 51 22.49 -23.50 -30.99
CA GLU G 51 21.88 -23.97 -29.73
C GLU G 51 20.53 -23.28 -29.42
N THR G 52 20.39 -22.04 -29.87
CA THR G 52 19.12 -21.32 -29.77
C THR G 52 18.06 -21.96 -30.66
N ASN G 53 18.43 -22.28 -31.90
CA ASN G 53 17.52 -22.94 -32.84
C ASN G 53 17.02 -24.30 -32.33
N LEU G 54 17.91 -25.08 -31.74
CA LEU G 54 17.54 -26.36 -31.13
C LEU G 54 16.65 -26.20 -29.89
N ARG G 55 17.00 -25.24 -29.03
CA ARG G 55 16.19 -24.92 -27.83
C ARG G 55 14.77 -24.55 -28.25
N LEU G 56 14.69 -23.67 -29.25
CA LEU G 56 13.42 -23.15 -29.74
C LEU G 56 12.52 -24.26 -30.28
N GLU G 57 13.06 -25.11 -31.14
CA GLU G 57 12.29 -26.24 -31.70
C GLU G 57 11.84 -27.24 -30.64
N ALA G 58 12.70 -27.49 -29.65
CA ALA G 58 12.36 -28.36 -28.52
C ALA G 58 11.18 -27.78 -27.74
N GLU G 59 11.32 -26.52 -27.34
CA GLU G 59 10.26 -25.79 -26.63
C GLU G 59 8.92 -25.73 -27.38
N ASN G 60 8.98 -25.64 -28.71
CA ASN G 60 7.78 -25.68 -29.57
C ASN G 60 7.08 -27.06 -29.58
N ASN G 61 7.89 -28.12 -29.67
CA ASN G 61 7.40 -29.51 -29.59
C ASN G 61 6.84 -29.94 -28.23
N LEU G 62 7.26 -29.25 -27.17
CA LEU G 62 6.80 -29.52 -25.80
C LEU G 62 5.27 -29.63 -25.64
N ALA G 63 4.56 -28.57 -26.02
CA ALA G 63 3.08 -28.51 -25.92
C ALA G 63 2.37 -29.68 -26.61
N ALA G 64 2.83 -30.01 -27.82
CA ALA G 64 2.29 -31.15 -28.59
C ALA G 64 2.51 -32.50 -27.91
N TYR G 65 3.72 -32.70 -27.39
CA TYR G 65 4.05 -33.95 -26.67
C TYR G 65 3.29 -34.09 -25.35
N ARG G 66 3.06 -32.98 -24.66
CA ARG G 66 2.24 -32.99 -23.46
C ARG G 66 0.79 -33.37 -23.77
N GLN G 67 0.26 -32.89 -24.89
CA GLN G 67 -1.08 -33.28 -25.32
C GLN G 67 -1.18 -34.77 -25.68
N GLU G 68 -0.19 -35.27 -26.41
CA GLU G 68 -0.10 -36.71 -26.71
C GLU G 68 -0.15 -37.57 -25.44
N ALA G 69 0.62 -37.16 -24.44
CA ALA G 69 0.65 -37.86 -23.14
C ALA G 69 -0.69 -37.78 -22.40
N ASP G 70 -1.30 -36.60 -22.41
CA ASP G 70 -2.62 -36.37 -21.79
C ASP G 70 -3.70 -37.25 -22.41
N GLU G 71 -3.78 -37.26 -23.74
CA GLU G 71 -4.78 -38.07 -24.47
C GLU G 71 -4.60 -39.57 -24.25
N ALA G 72 -3.34 -40.01 -24.25
CA ALA G 72 -3.00 -41.42 -23.98
C ALA G 72 -3.39 -41.84 -22.55
N THR G 73 -3.14 -40.96 -21.59
CA THR G 73 -3.52 -41.18 -20.20
C THR G 73 -5.05 -41.18 -20.03
N LEU G 74 -5.73 -40.25 -20.72
CA LEU G 74 -7.20 -40.17 -20.69
C LEU G 74 -7.84 -41.43 -21.25
N ALA G 75 -7.29 -41.93 -22.35
CA ALA G 75 -7.75 -43.18 -22.95
C ALA G 75 -7.59 -44.34 -21.97
N ARG G 76 -6.41 -44.46 -21.36
CA ARG G 76 -6.15 -45.49 -20.35
C ARG G 76 -7.20 -45.47 -19.24
N LEU G 77 -7.43 -44.29 -18.69
CA LEU G 77 -8.40 -44.11 -17.58
C LEU G 77 -9.82 -44.52 -17.97
N ASP G 78 -10.24 -44.11 -19.18
CA ASP G 78 -11.55 -44.49 -19.72
C ASP G 78 -11.71 -46.00 -19.70
N LEU G 79 -10.67 -46.71 -20.12
CA LEU G 79 -10.71 -48.19 -20.14
C LEU G 79 -10.72 -48.83 -18.76
N GLU G 80 -9.88 -48.33 -17.85
CA GLU G 80 -9.86 -48.82 -16.46
C GLU G 80 -11.23 -48.66 -15.80
N ARG G 81 -11.90 -47.57 -16.15
CA ARG G 81 -13.26 -47.32 -15.72
C ARG G 81 -14.27 -48.30 -16.32
N LYS G 82 -14.18 -48.56 -17.62
CA LYS G 82 -15.04 -49.56 -18.28
C LYS G 82 -14.87 -50.94 -17.65
N ILE G 83 -13.64 -51.25 -17.23
CA ILE G 83 -13.33 -52.49 -16.50
C ILE G 83 -14.12 -52.55 -15.18
N GLU G 84 -14.03 -51.48 -14.39
CA GLU G 84 -14.79 -51.37 -13.13
C GLU G 84 -16.30 -51.50 -13.36
N SER G 85 -16.80 -50.85 -14.40
CA SER G 85 -18.22 -50.94 -14.83
C SER G 85 -18.65 -52.38 -15.11
N LEU G 86 -17.83 -53.11 -15.86
CA LEU G 86 -18.13 -54.49 -16.23
C LEU G 86 -18.09 -55.44 -15.03
N GLU G 87 -17.12 -55.25 -14.15
CA GLU G 87 -17.01 -56.04 -12.90
C GLU G 87 -18.20 -55.78 -11.96
N GLU G 88 -18.62 -54.51 -11.88
CA GLU G 88 -19.84 -54.14 -11.13
C GLU G 88 -21.07 -54.83 -11.70
N GLU G 89 -21.19 -54.81 -13.03
CA GLU G 89 -22.29 -55.46 -13.75
C GLU G 89 -22.34 -56.96 -13.47
N ILE G 90 -21.17 -57.60 -13.51
CA ILE G 90 -21.06 -59.04 -13.19
C ILE G 90 -21.58 -59.34 -11.80
N ARG G 91 -21.07 -58.61 -10.80
CA ARG G 91 -21.47 -58.78 -9.39
C ARG G 91 -22.98 -58.67 -9.23
N PHE G 92 -23.52 -57.63 -9.85
CA PHE G 92 -24.95 -57.38 -9.82
C PHE G 92 -25.76 -58.49 -10.48
N LEU G 93 -25.30 -58.95 -11.64
CA LEU G 93 -25.95 -60.08 -12.33
C LEU G 93 -26.02 -61.33 -11.46
N ARG G 94 -24.94 -61.65 -10.77
CA ARG G 94 -24.91 -62.82 -9.88
C ARG G 94 -25.87 -62.69 -8.70
N LYS G 95 -25.96 -61.49 -8.13
CA LYS G 95 -26.90 -61.18 -7.04
C LYS G 95 -28.36 -61.33 -7.52
N ILE G 96 -28.66 -60.72 -8.65
CA ILE G 96 -29.99 -60.79 -9.31
C ILE G 96 -30.37 -62.23 -9.69
N HIS G 97 -29.38 -62.97 -10.21
CA HIS G 97 -29.57 -64.37 -10.65
C HIS G 97 -29.84 -65.28 -9.45
N GLU G 98 -29.03 -65.14 -8.41
CA GLU G 98 -29.22 -65.88 -7.16
C GLU G 98 -30.60 -65.62 -6.53
N GLU G 99 -31.07 -64.38 -6.61
CA GLU G 99 -32.40 -64.01 -6.13
C GLU G 99 -33.53 -64.65 -6.94
N GLU G 100 -33.37 -64.65 -8.26
CA GLU G 100 -34.34 -65.27 -9.19
C GLU G 100 -34.42 -66.78 -9.02
N VAL G 101 -33.26 -67.40 -8.75
CA VAL G 101 -33.14 -68.84 -8.50
C VAL G 101 -33.82 -69.25 -7.19
N ARG G 102 -33.73 -68.40 -6.17
CA ARG G 102 -34.43 -68.64 -4.90
C ARG G 102 -35.96 -68.52 -5.04
N GLU G 103 -36.39 -67.53 -5.83
CA GLU G 103 -37.81 -67.25 -6.06
C GLU G 103 -38.52 -68.31 -6.92
N LEU G 104 -37.75 -68.96 -7.80
CA LEU G 104 -38.21 -70.12 -8.58
C LEU G 104 -37.81 -71.46 -7.98
N GLN G 105 -37.63 -71.53 -6.66
CA GLN G 105 -37.25 -72.76 -5.95
C GLN G 105 -35.92 -73.34 -6.45
N HIS H 1 77.43 27.29 -32.79
CA HIS H 1 77.71 25.84 -32.73
C HIS H 1 76.45 25.09 -32.31
N MET H 2 76.00 25.41 -31.11
CA MET H 2 74.83 24.81 -30.56
C MET H 2 73.64 25.08 -31.47
N THR H 3 73.68 26.20 -32.18
CA THR H 3 72.60 26.54 -33.10
C THR H 3 72.37 25.44 -34.13
N LYS H 4 73.45 24.92 -34.69
CA LYS H 4 73.31 23.86 -35.67
C LYS H 4 72.69 22.64 -35.02
N LEU H 5 73.23 22.28 -33.87
CA LEU H 5 72.84 21.10 -33.14
C LEU H 5 71.44 21.15 -32.56
N ALA H 6 71.10 22.31 -32.01
CA ALA H 6 69.79 22.56 -31.42
C ALA H 6 68.70 22.38 -32.46
N ASP H 7 68.97 22.85 -33.66
CA ASP H 7 68.06 22.76 -34.78
C ASP H 7 67.77 21.33 -35.16
N VAL H 8 68.82 20.53 -35.29
CA VAL H 8 68.70 19.09 -35.61
C VAL H 8 67.90 18.36 -34.53
N TYR H 9 68.24 18.65 -33.27
CA TYR H 9 67.60 18.02 -32.13
C TYR H 9 66.14 18.40 -31.95
N GLN H 10 65.84 19.68 -32.08
CA GLN H 10 64.44 20.17 -32.00
C GLN H 10 63.57 19.58 -33.10
N ALA H 11 64.16 19.39 -34.28
CA ALA H 11 63.45 18.76 -35.41
C ALA H 11 63.09 17.31 -35.11
N GLU H 12 64.06 16.54 -34.63
CA GLU H 12 63.83 15.15 -34.21
C GLU H 12 62.84 15.08 -33.04
N LEU H 13 62.96 15.98 -32.08
CA LEU H 13 62.02 16.01 -30.95
C LEU H 13 60.58 16.22 -31.44
N ARG H 14 60.41 17.19 -32.34
CA ARG H 14 59.09 17.48 -32.94
C ARG H 14 58.48 16.24 -33.63
N GLU H 15 59.31 15.55 -34.41
CA GLU H 15 58.88 14.32 -35.10
C GLU H 15 58.46 13.22 -34.12
N LEU H 16 59.30 12.97 -33.12
CA LEU H 16 59.04 11.91 -32.12
C LEU H 16 57.76 12.19 -31.33
N ARG H 17 57.55 13.46 -30.95
CA ARG H 17 56.32 13.85 -30.22
C ARG H 17 55.07 13.67 -31.07
N LEU H 18 55.15 13.98 -32.35
CA LEU H 18 54.01 13.82 -33.23
C LEU H 18 53.65 12.34 -33.32
N ARG H 19 54.68 11.51 -33.45
CA ARG H 19 54.50 10.06 -33.54
C ARG H 19 53.91 9.46 -32.26
N LEU H 20 54.38 9.94 -31.12
CA LEU H 20 53.91 9.46 -29.83
C LEU H 20 52.43 9.75 -29.64
N ASP H 21 52.01 10.94 -30.06
CA ASP H 21 50.61 11.35 -29.95
C ASP H 21 49.72 10.44 -30.78
N GLN H 22 50.19 10.08 -31.97
CA GLN H 22 49.41 9.22 -32.88
C GLN H 22 49.36 7.78 -32.37
N LEU H 23 50.49 7.29 -31.90
CA LEU H 23 50.58 5.93 -31.40
C LEU H 23 49.88 5.72 -30.05
N THR H 24 49.92 6.72 -29.18
CA THR H 24 49.17 6.68 -27.92
C THR H 24 47.67 6.64 -28.18
N ALA H 25 47.20 7.43 -29.14
CA ALA H 25 45.78 7.44 -29.56
C ALA H 25 45.36 6.09 -30.09
N ASN H 26 46.14 5.56 -31.03
CA ASN H 26 45.87 4.24 -31.59
C ASN H 26 45.84 3.13 -30.56
N SER H 27 46.80 3.15 -29.64
CA SER H 27 46.86 2.16 -28.55
C SER H 27 45.65 2.21 -27.64
N ALA H 28 45.25 3.43 -27.27
CA ALA H 28 44.06 3.64 -26.44
C ALA H 28 42.82 3.06 -27.10
N ARG H 29 42.71 3.30 -28.40
CA ARG H 29 41.61 2.78 -29.21
C ARG H 29 41.63 1.25 -29.27
N LEU H 30 42.81 0.68 -29.49
CA LEU H 30 42.99 -0.79 -29.48
C LEU H 30 42.62 -1.43 -28.14
N GLU H 31 43.02 -0.78 -27.04
CA GLU H 31 42.68 -1.22 -25.67
C GLU H 31 41.17 -1.24 -25.44
N VAL H 32 40.50 -0.22 -25.94
CA VAL H 32 39.03 -0.13 -25.86
C VAL H 32 38.38 -1.25 -26.66
N GLU H 33 38.83 -1.45 -27.90
CA GLU H 33 38.27 -2.51 -28.74
C GLU H 33 38.50 -3.92 -28.16
N ARG H 34 39.70 -4.16 -27.62
CA ARG H 34 40.01 -5.42 -26.96
C ARG H 34 39.12 -5.65 -25.73
N ASP H 35 38.98 -4.63 -24.88
CA ASP H 35 38.10 -4.68 -23.69
C ASP H 35 36.66 -5.02 -24.06
N ASN H 36 36.18 -4.42 -25.16
CA ASN H 36 34.83 -4.68 -25.68
C ASN H 36 34.64 -6.10 -26.21
N LEU H 37 35.58 -6.55 -27.03
CA LEU H 37 35.53 -7.92 -27.56
C LEU H 37 35.54 -8.99 -26.44
N ALA H 38 36.33 -8.74 -25.40
CA ALA H 38 36.38 -9.62 -24.23
C ALA H 38 35.07 -9.64 -23.45
N GLN H 39 34.50 -8.46 -23.25
CA GLN H 39 33.20 -8.28 -22.59
C GLN H 39 32.08 -9.04 -23.32
N ASP H 40 32.01 -8.82 -24.63
CA ASP H 40 31.02 -9.48 -25.49
C ASP H 40 31.22 -10.99 -25.54
N LEU H 41 32.47 -11.43 -25.56
CA LEU H 41 32.81 -12.86 -25.53
C LEU H 41 32.31 -13.51 -24.23
N ALA H 42 32.52 -12.84 -23.10
CA ALA H 42 31.98 -13.30 -21.81
C ALA H 42 30.45 -13.37 -21.81
N THR H 43 29.82 -12.36 -22.39
CA THR H 43 28.35 -12.27 -22.52
C THR H 43 27.79 -13.44 -23.33
N VAL H 44 28.27 -13.61 -24.55
CA VAL H 44 27.74 -14.65 -25.46
C VAL H 44 28.03 -16.07 -24.95
N ARG H 45 29.16 -16.25 -24.28
CA ARG H 45 29.48 -17.53 -23.60
C ARG H 45 28.46 -17.86 -22.50
N GLN H 46 28.04 -16.83 -21.76
CA GLN H 46 26.99 -16.98 -20.75
C GLN H 46 25.65 -17.32 -21.36
N LYS H 47 25.28 -16.61 -22.44
CA LYS H 47 24.05 -16.90 -23.20
C LYS H 47 24.03 -18.33 -23.73
N LEU H 48 25.19 -18.80 -24.22
CA LEU H 48 25.35 -20.17 -24.72
C LEU H 48 25.09 -21.20 -23.62
N GLN H 49 25.70 -20.97 -22.47
CA GLN H 49 25.54 -21.85 -21.30
C GLN H 49 24.08 -21.91 -20.85
N ASP H 50 23.44 -20.74 -20.77
CA ASP H 50 22.01 -20.62 -20.42
C ASP H 50 21.13 -21.39 -21.41
N GLU H 51 21.34 -21.13 -22.70
CA GLU H 51 20.54 -21.74 -23.78
C GLU H 51 20.72 -23.26 -23.86
N THR H 52 21.92 -23.74 -23.51
CA THR H 52 22.20 -25.17 -23.40
C THR H 52 21.41 -25.79 -22.25
N ASN H 53 21.41 -25.13 -21.09
CA ASN H 53 20.64 -25.59 -19.92
C ASN H 53 19.13 -25.68 -20.18
N LEU H 54 18.59 -24.66 -20.86
CA LEU H 54 17.18 -24.65 -21.25
C LEU H 54 16.84 -25.74 -22.26
N ARG H 55 17.74 -25.94 -23.21
CA ARG H 55 17.57 -27.01 -24.19
C ARG H 55 17.51 -28.38 -23.50
N LEU H 56 18.47 -28.63 -22.61
CA LEU H 56 18.54 -29.92 -21.86
C LEU H 56 17.28 -30.19 -21.04
N GLU H 57 16.76 -29.17 -20.33
CA GLU H 57 15.52 -29.34 -19.54
C GLU H 57 14.32 -29.64 -20.44
N ALA H 58 14.25 -28.94 -21.57
CA ALA H 58 13.17 -29.14 -22.54
C ALA H 58 13.19 -30.58 -23.07
N GLU H 59 14.36 -30.98 -23.57
CA GLU H 59 14.57 -32.35 -24.06
C GLU H 59 14.25 -33.44 -23.02
N ASN H 60 14.54 -33.16 -21.74
CA ASN H 60 14.18 -34.07 -20.61
C ASN H 60 12.67 -34.20 -20.38
N ASN H 61 11.98 -33.08 -20.45
CA ASN H 61 10.50 -33.04 -20.37
C ASN H 61 9.82 -33.71 -21.57
N LEU H 62 10.45 -33.60 -22.75
CA LEU H 62 10.01 -34.29 -23.99
C LEU H 62 10.09 -35.78 -23.76
N ALA H 63 11.30 -36.21 -23.39
CA ALA H 63 11.57 -37.63 -23.06
C ALA H 63 10.60 -38.21 -22.04
N ALA H 64 10.33 -37.43 -20.99
CA ALA H 64 9.39 -37.85 -19.94
C ALA H 64 7.96 -38.00 -20.45
N TYR H 65 7.51 -37.06 -21.28
CA TYR H 65 6.17 -37.10 -21.88
C TYR H 65 6.02 -38.25 -22.88
N ARG H 66 7.08 -38.56 -23.62
CA ARG H 66 7.10 -39.71 -24.53
C ARG H 66 7.01 -41.05 -23.78
N GLN H 67 7.70 -41.13 -22.64
CA GLN H 67 7.63 -42.32 -21.74
C GLN H 67 6.23 -42.50 -21.16
N GLU H 68 5.63 -41.40 -20.72
CA GLU H 68 4.24 -41.38 -20.23
C GLU H 68 3.24 -41.91 -21.27
N ALA H 69 3.38 -41.45 -22.51
CA ALA H 69 2.52 -41.88 -23.62
C ALA H 69 2.67 -43.37 -23.94
N ASP H 70 3.92 -43.83 -24.00
CA ASP H 70 4.23 -45.25 -24.26
C ASP H 70 3.63 -46.19 -23.20
N GLU H 71 3.86 -45.85 -21.93
CA GLU H 71 3.33 -46.64 -20.80
C GLU H 71 1.80 -46.65 -20.75
N ALA H 72 1.21 -45.48 -21.01
CA ALA H 72 -0.26 -45.33 -21.05
C ALA H 72 -0.87 -46.16 -22.18
N THR H 73 -0.21 -46.19 -23.33
CA THR H 73 -0.66 -46.98 -24.48
C THR H 73 -0.57 -48.47 -24.19
N LEU H 74 0.53 -48.89 -23.57
CA LEU H 74 0.71 -50.30 -23.19
C LEU H 74 -0.33 -50.77 -22.19
N ALA H 75 -0.60 -49.93 -21.21
CA ALA H 75 -1.66 -50.19 -20.23
C ALA H 75 -3.04 -50.29 -20.90
N ARG H 76 -3.33 -49.37 -21.81
CA ARG H 76 -4.58 -49.38 -22.59
C ARG H 76 -4.78 -50.72 -23.30
N LEU H 77 -3.75 -51.17 -23.99
CA LEU H 77 -3.81 -52.44 -24.73
C LEU H 77 -4.10 -53.65 -23.83
N ASP H 78 -3.42 -53.68 -22.69
CA ASP H 78 -3.67 -54.71 -21.66
C ASP H 78 -5.11 -54.69 -21.15
N LEU H 79 -5.64 -53.48 -20.97
CA LEU H 79 -7.01 -53.26 -20.49
C LEU H 79 -8.05 -53.71 -21.53
N GLU H 80 -7.83 -53.39 -22.80
CA GLU H 80 -8.76 -53.81 -23.88
C GLU H 80 -8.96 -55.33 -23.93
N ARG H 81 -7.89 -56.08 -23.65
CA ARG H 81 -7.97 -57.54 -23.54
C ARG H 81 -8.75 -57.99 -22.31
N LYS H 82 -8.51 -57.36 -21.16
CA LYS H 82 -9.29 -57.62 -19.94
C LYS H 82 -10.78 -57.29 -20.16
N ILE H 83 -11.07 -56.26 -20.96
CA ILE H 83 -12.45 -55.90 -21.33
C ILE H 83 -13.12 -57.04 -22.10
N GLU H 84 -12.44 -57.54 -23.14
CA GLU H 84 -12.93 -58.69 -23.93
C GLU H 84 -13.20 -59.91 -23.05
N SER H 85 -12.27 -60.17 -22.13
CA SER H 85 -12.42 -61.26 -21.16
C SER H 85 -13.65 -61.12 -20.25
N LEU H 86 -13.87 -59.90 -19.76
CA LEU H 86 -15.03 -59.63 -18.90
C LEU H 86 -16.37 -59.72 -19.64
N GLU H 87 -16.40 -59.25 -20.89
CA GLU H 87 -17.59 -59.37 -21.74
C GLU H 87 -17.90 -60.82 -22.08
N GLU H 88 -16.86 -61.60 -22.35
CA GLU H 88 -16.99 -63.06 -22.55
C GLU H 88 -17.60 -63.72 -21.30
N GLU H 89 -17.06 -63.37 -20.14
CA GLU H 89 -17.53 -63.88 -18.85
C GLU H 89 -19.01 -63.56 -18.61
N ILE H 90 -19.40 -62.31 -18.91
CA ILE H 90 -20.80 -61.88 -18.79
C ILE H 90 -21.72 -62.75 -19.64
N ARG H 91 -21.37 -62.89 -20.91
CA ARG H 91 -22.18 -63.68 -21.85
C ARG H 91 -22.32 -65.13 -21.40
N PHE H 92 -21.22 -65.73 -20.93
CA PHE H 92 -21.22 -67.11 -20.39
C PHE H 92 -22.14 -67.21 -19.16
N LEU H 93 -22.06 -66.23 -18.25
CA LEU H 93 -22.95 -66.17 -17.07
C LEU H 93 -24.44 -66.11 -17.41
N ARG H 94 -24.79 -65.32 -18.41
CA ARG H 94 -26.19 -65.20 -18.83
C ARG H 94 -26.71 -66.48 -19.46
N LYS H 95 -25.91 -67.11 -20.31
CA LYS H 95 -26.32 -68.36 -20.97
C LYS H 95 -26.45 -69.51 -19.97
N ILE H 96 -25.51 -69.60 -19.04
CA ILE H 96 -25.56 -70.62 -17.99
C ILE H 96 -26.74 -70.44 -17.04
N HIS H 97 -27.05 -69.19 -16.74
CA HIS H 97 -28.17 -68.89 -15.85
C HIS H 97 -29.50 -69.15 -16.52
N GLU H 98 -29.63 -68.66 -17.75
CA GLU H 98 -30.82 -68.91 -18.59
C GLU H 98 -31.10 -70.41 -18.75
N GLU H 99 -30.03 -71.20 -18.85
CA GLU H 99 -30.13 -72.67 -18.88
C GLU H 99 -30.62 -73.26 -17.55
N GLU H 100 -30.04 -72.78 -16.45
CA GLU H 100 -30.39 -73.27 -15.11
C GLU H 100 -31.89 -73.06 -14.76
N VAL H 101 -32.54 -72.07 -15.37
CA VAL H 101 -34.03 -71.95 -15.28
C VAL H 101 -34.67 -72.82 -16.37
#